data_2LM0
#
_entry.id   2LM0
#
_entity_poly.entity_id   1
_entity_poly.type   'polypeptide(L)'
_entity_poly.pdbx_seq_one_letter_code
;TRLPLPLRDTKLLSPLRDTPPPQSLMVKITLDLLSRIPQPPGKPMGSDKQIKNGECDKAYLDELVELHRRLMTLRERHIL
QQIVNLIEETGHFHITNTTFDFDLCSLDKTTVRKLQSYLETSGTS
;
_entity_poly.pdbx_strand_id   A
#
# COMPACT_ATOMS: atom_id res chain seq x y z
N THR A 1 -33.62 26.89 -17.61
CA THR A 1 -33.85 26.43 -16.20
C THR A 1 -33.66 24.92 -16.13
N ARG A 2 -32.42 24.49 -15.96
CA ARG A 2 -32.10 23.08 -15.88
C ARG A 2 -32.63 22.33 -17.10
N LEU A 3 -32.62 23.01 -18.23
CA LEU A 3 -33.10 22.40 -19.48
C LEU A 3 -32.01 21.54 -20.10
N PRO A 4 -30.78 22.00 -20.10
CA PRO A 4 -29.64 21.27 -20.70
C PRO A 4 -29.03 20.26 -19.72
N LEU A 5 -28.66 20.75 -18.53
CA LEU A 5 -28.06 19.90 -17.51
C LEU A 5 -28.98 19.78 -16.29
N PRO A 6 -29.84 18.79 -16.25
CA PRO A 6 -30.79 18.59 -15.12
C PRO A 6 -30.09 18.68 -13.77
N LEU A 7 -29.13 17.78 -13.54
CA LEU A 7 -28.41 17.77 -12.28
C LEU A 7 -27.24 16.78 -12.35
N ARG A 8 -26.02 17.30 -12.22
CA ARG A 8 -24.83 16.45 -12.26
C ARG A 8 -24.61 15.78 -10.91
N ASP A 9 -23.80 14.73 -10.91
CA ASP A 9 -23.50 14.00 -9.68
C ASP A 9 -22.57 14.80 -8.78
N THR A 10 -21.38 15.11 -9.31
CA THR A 10 -20.38 15.87 -8.55
C THR A 10 -19.86 17.05 -9.37
N LYS A 11 -19.90 18.24 -8.78
CA LYS A 11 -19.44 19.44 -9.47
C LYS A 11 -17.93 19.39 -9.64
N LEU A 12 -17.30 20.56 -9.49
CA LEU A 12 -15.85 20.65 -9.63
C LEU A 12 -15.15 20.11 -8.40
N LEU A 13 -14.28 19.13 -8.60
CA LEU A 13 -13.54 18.53 -7.50
C LEU A 13 -12.38 19.43 -7.09
N SER A 14 -11.58 18.96 -6.15
CA SER A 14 -10.44 19.73 -5.67
C SER A 14 -9.63 20.27 -6.84
N PRO A 15 -8.78 21.23 -6.59
CA PRO A 15 -7.91 21.84 -7.64
C PRO A 15 -7.38 20.80 -8.61
N LEU A 16 -7.90 20.79 -9.83
CA LEU A 16 -7.46 19.84 -10.82
C LEU A 16 -5.93 19.73 -10.84
N ARG A 17 -5.42 18.66 -10.26
CA ARG A 17 -3.97 18.45 -10.22
C ARG A 17 -3.46 17.99 -11.57
N ASP A 18 -2.16 18.16 -11.79
CA ASP A 18 -1.55 17.75 -13.05
C ASP A 18 -1.22 16.26 -13.02
N THR A 19 -1.80 15.51 -13.96
CA THR A 19 -1.58 14.06 -14.06
C THR A 19 -1.33 13.46 -12.68
N PRO A 20 -2.33 13.42 -11.84
CA PRO A 20 -2.21 12.89 -10.46
C PRO A 20 -2.14 11.36 -10.43
N PRO A 21 -1.66 10.80 -9.35
CA PRO A 21 -1.53 9.32 -9.21
C PRO A 21 -2.73 8.58 -9.83
N PRO A 22 -2.55 7.34 -10.20
CA PRO A 22 -3.63 6.51 -10.80
C PRO A 22 -4.68 6.12 -9.76
N GLN A 23 -5.50 5.13 -10.11
CA GLN A 23 -6.56 4.65 -9.20
C GLN A 23 -6.70 3.14 -9.33
N SER A 24 -6.60 2.45 -8.20
CA SER A 24 -6.72 0.99 -8.18
C SER A 24 -7.30 0.51 -6.86
N LEU A 25 -6.58 -0.39 -6.19
CA LEU A 25 -7.03 -0.94 -4.91
C LEU A 25 -5.90 -0.88 -3.89
N MET A 26 -6.24 -0.46 -2.68
CA MET A 26 -5.27 -0.33 -1.59
C MET A 26 -5.77 -1.09 -0.36
N VAL A 27 -4.84 -1.49 0.50
CA VAL A 27 -5.20 -2.23 1.72
C VAL A 27 -5.12 -1.30 2.95
N LYS A 28 -6.23 -1.17 3.68
CA LYS A 28 -6.25 -0.31 4.87
C LYS A 28 -6.79 -1.12 6.06
N ILE A 29 -6.00 -1.17 7.12
CA ILE A 29 -6.39 -1.90 8.33
C ILE A 29 -6.76 -0.92 9.43
N THR A 30 -8.03 -0.98 9.86
CA THR A 30 -8.53 -0.10 10.93
C THR A 30 -7.45 0.16 11.96
N LEU A 31 -7.30 1.41 12.35
CA LEU A 31 -6.26 1.76 13.32
C LEU A 31 -6.71 1.39 14.73
N ASP A 32 -8.00 1.17 14.89
CA ASP A 32 -8.53 0.83 16.20
C ASP A 32 -8.14 -0.59 16.59
N LEU A 33 -8.50 -1.55 15.75
CA LEU A 33 -8.18 -2.94 16.02
C LEU A 33 -6.74 -3.28 15.62
N LEU A 34 -5.83 -2.34 15.83
CA LEU A 34 -4.42 -2.55 15.49
C LEU A 34 -3.58 -2.60 16.77
N SER A 35 -3.74 -1.57 17.62
CA SER A 35 -2.99 -1.52 18.88
C SER A 35 -1.60 -0.91 18.67
N ARG A 36 -0.84 -1.52 17.76
CA ARG A 36 0.52 -1.04 17.47
C ARG A 36 0.48 0.05 16.41
N ILE A 37 1.20 1.14 16.68
CA ILE A 37 1.26 2.27 15.75
C ILE A 37 2.72 2.65 15.46
N PRO A 38 3.29 2.18 14.38
CA PRO A 38 4.71 2.48 14.02
C PRO A 38 5.05 3.96 14.19
N GLN A 39 6.19 4.24 14.79
CA GLN A 39 6.61 5.62 14.99
C GLN A 39 6.74 6.35 13.66
N PRO A 40 6.51 7.65 13.63
CA PRO A 40 6.61 8.46 12.38
C PRO A 40 8.07 8.56 11.88
N PRO A 41 8.23 8.93 10.63
CA PRO A 41 9.58 9.09 10.01
C PRO A 41 10.35 10.27 10.60
N GLY A 42 11.65 10.31 10.34
CA GLY A 42 12.49 11.39 10.85
C GLY A 42 12.51 12.56 9.88
N LYS A 43 13.48 12.56 8.98
CA LYS A 43 13.60 13.64 8.00
C LYS A 43 12.63 13.43 6.83
N PRO A 44 12.15 14.50 6.23
CA PRO A 44 11.21 14.40 5.08
C PRO A 44 11.57 13.27 4.12
N MET A 45 12.74 13.39 3.47
CA MET A 45 13.20 12.39 2.52
C MET A 45 12.15 12.17 1.43
N GLY A 46 12.51 12.54 0.20
CA GLY A 46 11.59 12.38 -0.92
C GLY A 46 12.36 12.34 -2.24
N SER A 47 12.45 11.16 -2.84
CA SER A 47 13.16 11.00 -4.10
C SER A 47 12.42 11.73 -5.22
N ASP A 48 12.73 11.35 -6.46
CA ASP A 48 12.09 11.98 -7.61
C ASP A 48 12.28 11.11 -8.86
N LYS A 49 13.07 10.07 -8.73
CA LYS A 49 13.34 9.17 -9.85
C LYS A 49 12.03 8.54 -10.34
N GLN A 50 11.48 7.65 -9.52
CA GLN A 50 10.24 6.96 -9.87
C GLN A 50 10.37 6.26 -11.22
N ILE A 51 10.96 5.07 -11.22
CA ILE A 51 11.13 4.31 -12.45
C ILE A 51 9.78 4.01 -13.09
N LYS A 52 9.67 4.31 -14.37
CA LYS A 52 8.43 4.07 -15.09
C LYS A 52 8.19 2.58 -15.28
N ASN A 53 7.36 2.00 -14.43
CA ASN A 53 7.06 0.57 -14.51
C ASN A 53 6.18 0.28 -15.73
N GLY A 54 5.62 -0.92 -15.78
CA GLY A 54 4.78 -1.32 -16.89
C GLY A 54 3.92 -2.53 -16.54
N GLU A 55 3.11 -2.38 -15.49
CA GLU A 55 2.25 -3.47 -15.05
C GLU A 55 1.50 -4.08 -16.24
N CYS A 56 1.06 -3.22 -17.15
CA CYS A 56 0.34 -3.68 -18.33
C CYS A 56 -0.86 -4.51 -17.92
N ASP A 57 -1.80 -4.70 -18.85
CA ASP A 57 -3.00 -5.49 -18.58
C ASP A 57 -2.73 -6.97 -18.81
N LYS A 58 -2.96 -7.79 -17.79
CA LYS A 58 -2.73 -9.23 -17.89
C LYS A 58 -3.82 -9.98 -17.13
N ALA A 59 -3.47 -10.50 -15.96
CA ALA A 59 -4.42 -11.23 -15.15
C ALA A 59 -3.91 -11.40 -13.73
N TYR A 60 -2.60 -11.58 -13.58
CA TYR A 60 -1.98 -11.75 -12.27
C TYR A 60 -2.62 -10.81 -11.25
N LEU A 61 -3.14 -9.68 -11.73
CA LEU A 61 -3.78 -8.70 -10.86
C LEU A 61 -4.87 -9.36 -10.02
N ASP A 62 -5.58 -10.32 -10.62
CA ASP A 62 -6.64 -11.02 -9.92
C ASP A 62 -6.17 -11.45 -8.53
N GLU A 63 -4.98 -12.06 -8.47
CA GLU A 63 -4.43 -12.51 -7.21
C GLU A 63 -4.35 -11.36 -6.21
N LEU A 64 -3.59 -10.34 -6.55
CA LEU A 64 -3.43 -9.19 -5.68
C LEU A 64 -4.79 -8.66 -5.23
N VAL A 65 -5.70 -8.50 -6.17
CA VAL A 65 -7.03 -8.00 -5.86
C VAL A 65 -7.68 -8.87 -4.78
N GLU A 66 -7.77 -10.17 -5.06
CA GLU A 66 -8.38 -11.08 -4.11
C GLU A 66 -7.71 -10.95 -2.75
N LEU A 67 -6.38 -10.89 -2.74
CA LEU A 67 -5.64 -10.77 -1.49
C LEU A 67 -6.25 -9.69 -0.62
N HIS A 68 -6.22 -8.45 -1.13
CA HIS A 68 -6.76 -7.31 -0.40
C HIS A 68 -8.03 -7.71 0.36
N ARG A 69 -8.89 -8.49 -0.30
CA ARG A 69 -10.13 -8.91 0.33
C ARG A 69 -9.88 -9.80 1.54
N ARG A 70 -9.41 -11.02 1.29
CA ARG A 70 -9.13 -11.97 2.37
C ARG A 70 -8.46 -11.27 3.55
N LEU A 71 -7.78 -10.16 3.26
CA LEU A 71 -7.09 -9.41 4.30
C LEU A 71 -8.09 -8.62 5.13
N MET A 72 -9.12 -8.11 4.48
CA MET A 72 -10.14 -7.34 5.19
C MET A 72 -10.89 -8.22 6.17
N THR A 73 -11.03 -9.50 5.83
CA THR A 73 -11.74 -10.45 6.69
C THR A 73 -10.78 -11.12 7.66
N LEU A 74 -9.93 -10.33 8.29
CA LEU A 74 -8.96 -10.86 9.26
C LEU A 74 -9.22 -10.30 10.65
N ARG A 75 -9.26 -11.20 11.63
CA ARG A 75 -9.51 -10.80 13.01
C ARG A 75 -8.91 -11.81 13.98
N GLU A 76 -7.58 -11.88 14.01
CA GLU A 76 -6.87 -12.82 14.89
C GLU A 76 -5.73 -12.11 15.62
N ARG A 77 -5.49 -10.86 15.25
CA ARG A 77 -4.43 -10.08 15.88
C ARG A 77 -3.14 -10.88 15.92
N HIS A 78 -2.09 -10.30 16.49
CA HIS A 78 -0.80 -10.97 16.59
C HIS A 78 -0.10 -11.03 15.22
N ILE A 79 -0.91 -11.16 14.17
CA ILE A 79 -0.36 -11.22 12.81
C ILE A 79 -0.13 -9.83 12.26
N LEU A 80 -1.06 -8.92 12.53
CA LEU A 80 -0.95 -7.55 12.05
C LEU A 80 0.46 -7.01 12.31
N GLN A 81 1.05 -7.44 13.42
CA GLN A 81 2.39 -7.00 13.77
C GLN A 81 3.42 -7.53 12.78
N GLN A 82 3.09 -8.65 12.14
CA GLN A 82 3.99 -9.26 11.15
C GLN A 82 3.73 -8.70 9.76
N ILE A 83 2.70 -7.87 9.63
CA ILE A 83 2.34 -7.28 8.34
C ILE A 83 2.77 -5.81 8.30
N VAL A 84 2.85 -5.18 9.47
CA VAL A 84 3.24 -3.77 9.55
C VAL A 84 4.75 -3.65 9.72
N ASN A 85 5.32 -4.42 10.63
CA ASN A 85 6.76 -4.38 10.88
C ASN A 85 7.52 -4.83 9.63
N LEU A 86 7.04 -5.91 9.02
CA LEU A 86 7.69 -6.44 7.83
C LEU A 86 7.91 -5.33 6.79
N ILE A 87 6.85 -4.58 6.50
CA ILE A 87 6.95 -3.49 5.52
C ILE A 87 7.71 -2.31 6.12
N GLU A 88 7.47 -2.04 7.40
CA GLU A 88 8.15 -0.94 8.07
C GLU A 88 9.61 -0.87 7.66
N GLU A 89 10.29 -2.01 7.69
CA GLU A 89 11.70 -2.06 7.32
C GLU A 89 11.92 -1.44 5.95
N THR A 90 10.85 -1.39 5.16
CA THR A 90 10.91 -0.80 3.83
C THR A 90 9.77 0.21 3.69
N GLY A 91 10.12 1.50 3.70
CA GLY A 91 9.13 2.55 3.55
C GLY A 91 8.21 2.23 2.39
N HIS A 92 7.21 3.10 2.15
CA HIS A 92 6.23 2.93 1.05
C HIS A 92 4.84 2.62 1.60
N PHE A 93 4.55 3.11 2.80
CA PHE A 93 3.25 2.89 3.44
C PHE A 93 2.80 4.17 4.14
N HIS A 94 1.53 4.53 3.94
CA HIS A 94 1.00 5.74 4.53
C HIS A 94 0.46 5.42 5.91
N ILE A 95 0.93 6.16 6.91
CA ILE A 95 0.51 5.95 8.29
C ILE A 95 -0.38 7.09 8.78
N THR A 96 -1.30 6.77 9.67
CA THR A 96 -2.19 7.78 10.23
C THR A 96 -2.68 7.35 11.60
N ASN A 97 -2.88 8.32 12.48
CA ASN A 97 -3.35 8.03 13.82
C ASN A 97 -4.79 7.56 13.79
N THR A 98 -5.36 7.42 12.59
CA THR A 98 -6.74 6.99 12.44
C THR A 98 -6.87 5.98 11.28
N THR A 99 -5.77 5.79 10.55
CA THR A 99 -5.77 4.87 9.42
C THR A 99 -4.34 4.60 8.95
N PHE A 100 -4.15 3.47 8.29
CA PHE A 100 -2.83 3.10 7.79
C PHE A 100 -2.98 2.06 6.68
N ASP A 101 -2.40 2.35 5.51
CA ASP A 101 -2.46 1.43 4.38
C ASP A 101 -1.08 1.31 3.73
N PHE A 102 -1.04 0.66 2.58
CA PHE A 102 0.19 0.51 1.83
C PHE A 102 -0.07 -0.17 0.49
N ASP A 103 0.96 -0.24 -0.36
CA ASP A 103 0.82 -0.86 -1.69
C ASP A 103 1.65 -2.14 -1.78
N LEU A 104 0.98 -3.27 -2.02
CA LEU A 104 1.69 -4.55 -2.13
C LEU A 104 2.13 -4.78 -3.57
N CYS A 105 1.66 -3.95 -4.48
CA CYS A 105 2.01 -4.07 -5.89
C CYS A 105 3.23 -3.21 -6.22
N SER A 106 3.85 -2.65 -5.19
CA SER A 106 5.04 -1.80 -5.36
C SER A 106 6.29 -2.54 -4.91
N LEU A 107 6.25 -3.07 -3.69
CA LEU A 107 7.39 -3.79 -3.14
C LEU A 107 7.62 -5.09 -3.93
N ASP A 108 8.80 -5.68 -3.73
CA ASP A 108 9.14 -6.93 -4.41
C ASP A 108 7.97 -7.91 -4.34
N LYS A 109 7.92 -8.82 -5.32
CA LYS A 109 6.86 -9.81 -5.36
C LYS A 109 7.03 -10.83 -4.24
N THR A 110 8.23 -10.88 -3.66
CA THR A 110 8.50 -11.82 -2.59
C THR A 110 7.69 -11.47 -1.35
N THR A 111 7.61 -10.19 -1.04
CA THR A 111 6.86 -9.74 0.12
C THR A 111 5.41 -10.22 0.04
N VAL A 112 4.87 -10.24 -1.18
CA VAL A 112 3.50 -10.67 -1.38
C VAL A 112 3.36 -12.17 -1.15
N ARG A 113 4.36 -12.92 -1.59
CA ARG A 113 4.34 -14.36 -1.44
C ARG A 113 4.37 -14.75 0.03
N LYS A 114 5.13 -13.99 0.82
CA LYS A 114 5.23 -14.26 2.25
C LYS A 114 3.89 -14.01 2.93
N LEU A 115 3.34 -12.82 2.73
CA LEU A 115 2.07 -12.47 3.33
C LEU A 115 1.04 -13.55 3.06
N GLN A 116 0.78 -13.80 1.79
CA GLN A 116 -0.19 -14.81 1.39
C GLN A 116 0.02 -16.11 2.19
N SER A 117 1.28 -16.47 2.34
CA SER A 117 1.63 -17.70 3.06
C SER A 117 0.97 -17.72 4.44
N TYR A 118 1.39 -16.81 5.31
CA TYR A 118 0.84 -16.74 6.66
C TYR A 118 -0.68 -16.65 6.62
N LEU A 119 -1.21 -15.93 5.64
CA LEU A 119 -2.65 -15.77 5.52
C LEU A 119 -3.33 -17.13 5.33
N GLU A 120 -2.52 -18.19 5.28
CA GLU A 120 -3.05 -19.54 5.09
C GLU A 120 -2.28 -20.53 5.94
N THR A 121 -2.43 -20.40 7.26
CA THR A 121 -1.74 -21.30 8.19
C THR A 121 -2.45 -22.65 8.23
N SER A 122 -3.77 -22.63 8.12
CA SER A 122 -4.55 -23.86 8.14
C SER A 122 -4.13 -24.78 7.00
N GLY A 123 -4.80 -24.66 5.87
CA GLY A 123 -4.48 -25.47 4.70
C GLY A 123 -5.65 -25.51 3.73
N THR A 124 -5.87 -24.40 3.02
CA THR A 124 -6.96 -24.32 2.06
C THR A 124 -6.93 -25.51 1.12
N SER A 125 -7.93 -25.61 0.25
CA SER A 125 -8.01 -26.72 -0.69
C SER A 125 -7.95 -28.05 0.03
N THR A 1 -0.93 34.11 -4.39
CA THR A 1 -1.14 35.27 -3.47
C THR A 1 -1.71 36.44 -4.27
N ARG A 2 -0.92 36.97 -5.18
CA ARG A 2 -1.36 38.09 -6.01
C ARG A 2 -2.72 37.80 -6.63
N LEU A 3 -3.46 38.85 -6.94
CA LEU A 3 -4.78 38.70 -7.55
C LEU A 3 -5.60 37.67 -6.78
N PRO A 4 -6.03 38.01 -5.59
CA PRO A 4 -6.85 37.11 -4.74
C PRO A 4 -8.04 36.51 -5.51
N LEU A 5 -8.63 35.48 -4.92
CA LEU A 5 -9.78 34.82 -5.56
C LEU A 5 -9.47 34.53 -7.02
N PRO A 6 -8.42 33.80 -7.28
CA PRO A 6 -8.01 33.43 -8.67
C PRO A 6 -9.00 32.48 -9.33
N LEU A 7 -8.57 31.86 -10.42
CA LEU A 7 -9.42 30.91 -11.13
C LEU A 7 -8.59 29.83 -11.80
N ARG A 8 -7.79 30.23 -12.78
CA ARG A 8 -6.95 29.29 -13.51
C ARG A 8 -5.73 28.92 -12.67
N ASP A 9 -4.98 27.92 -13.13
CA ASP A 9 -3.80 27.46 -12.43
C ASP A 9 -2.95 26.56 -13.32
N THR A 10 -1.73 27.00 -13.62
CA THR A 10 -0.84 26.22 -14.46
C THR A 10 -0.24 25.05 -13.68
N LYS A 11 1.08 25.09 -13.49
CA LYS A 11 1.77 24.03 -12.76
C LYS A 11 2.86 24.62 -11.86
N LEU A 12 2.43 25.23 -10.76
CA LEU A 12 3.38 25.83 -9.82
C LEU A 12 4.01 24.76 -8.94
N LEU A 13 3.33 24.42 -7.85
CA LEU A 13 3.84 23.40 -6.93
C LEU A 13 2.79 23.04 -5.89
N SER A 14 1.89 22.14 -6.25
CA SER A 14 0.83 21.72 -5.33
C SER A 14 -0.06 20.67 -6.00
N PRO A 15 -0.45 20.91 -7.22
CA PRO A 15 -1.33 19.98 -7.98
C PRO A 15 -0.76 18.57 -8.07
N LEU A 16 -1.43 17.61 -7.45
CA LEU A 16 -0.97 16.24 -7.47
C LEU A 16 0.49 16.15 -7.03
N ARG A 17 0.73 16.43 -5.76
CA ARG A 17 2.09 16.39 -5.22
C ARG A 17 2.33 15.07 -4.49
N ASP A 18 1.38 14.15 -4.61
CA ASP A 18 1.50 12.85 -3.95
C ASP A 18 0.77 11.78 -4.75
N THR A 19 1.43 11.26 -5.77
CA THR A 19 0.86 10.22 -6.62
C THR A 19 -0.45 10.71 -7.25
N PRO A 20 -0.75 10.27 -8.45
CA PRO A 20 -1.99 10.67 -9.16
C PRO A 20 -3.24 10.07 -8.53
N PRO A 21 -4.40 10.61 -8.84
CA PRO A 21 -5.70 10.12 -8.30
C PRO A 21 -5.73 8.58 -8.25
N PRO A 22 -5.56 8.01 -7.10
CA PRO A 22 -5.57 6.52 -6.92
C PRO A 22 -6.76 5.87 -7.62
N GLN A 23 -6.49 4.87 -8.45
CA GLN A 23 -7.55 4.17 -9.17
C GLN A 23 -7.29 2.67 -9.18
N SER A 24 -7.13 2.09 -7.98
CA SER A 24 -6.88 0.66 -7.86
C SER A 24 -7.33 0.16 -6.50
N LEU A 25 -6.49 -0.63 -5.84
CA LEU A 25 -6.81 -1.19 -4.53
C LEU A 25 -5.66 -0.98 -3.57
N MET A 26 -5.96 -0.41 -2.41
CA MET A 26 -4.93 -0.15 -1.40
C MET A 26 -5.28 -0.83 -0.08
N VAL A 27 -4.43 -1.76 0.34
CA VAL A 27 -4.69 -2.49 1.57
C VAL A 27 -4.60 -1.56 2.76
N LYS A 28 -5.69 -1.46 3.52
CA LYS A 28 -5.73 -0.57 4.69
C LYS A 28 -6.25 -1.32 5.91
N ILE A 29 -5.49 -1.25 7.00
CA ILE A 29 -5.88 -1.93 8.23
C ILE A 29 -6.35 -0.90 9.27
N THR A 30 -7.63 -0.96 9.60
CA THR A 30 -8.19 -0.04 10.56
C THR A 30 -7.30 0.04 11.81
N LEU A 31 -7.49 1.10 12.60
CA LEU A 31 -6.70 1.28 13.82
C LEU A 31 -7.36 0.58 14.99
N ASP A 32 -8.67 0.71 15.10
CA ASP A 32 -9.39 0.07 16.18
C ASP A 32 -9.05 -1.40 16.28
N LEU A 33 -8.53 -1.96 15.17
CA LEU A 33 -8.16 -3.37 15.14
C LEU A 33 -6.67 -3.54 15.33
N LEU A 34 -5.99 -2.47 15.71
CA LEU A 34 -4.54 -2.50 15.93
C LEU A 34 -4.23 -2.24 17.40
N SER A 35 -3.18 -2.89 17.89
CA SER A 35 -2.76 -2.74 19.28
C SER A 35 -1.46 -1.95 19.37
N ARG A 36 -0.72 -1.92 18.25
CA ARG A 36 0.55 -1.20 18.20
C ARG A 36 0.56 -0.24 17.02
N ILE A 37 1.11 0.97 17.24
CA ILE A 37 1.17 1.97 16.18
C ILE A 37 2.60 2.49 16.03
N PRO A 38 3.27 2.13 14.95
CA PRO A 38 4.67 2.57 14.69
C PRO A 38 4.88 4.05 14.98
N GLN A 39 5.93 4.36 15.72
CA GLN A 39 6.22 5.74 16.06
C GLN A 39 6.83 6.47 14.85
N PRO A 40 6.53 7.75 14.71
CA PRO A 40 7.05 8.57 13.57
C PRO A 40 8.57 8.72 13.61
N PRO A 41 9.28 8.14 12.67
CA PRO A 41 10.77 8.23 12.62
C PRO A 41 11.27 9.67 12.79
N GLY A 42 12.58 9.85 12.64
CA GLY A 42 13.17 11.17 12.76
C GLY A 42 12.48 12.17 11.86
N LYS A 43 12.74 12.06 10.56
CA LYS A 43 12.14 12.97 9.59
C LYS A 43 12.16 12.36 8.20
N PRO A 44 11.25 11.45 7.94
CA PRO A 44 11.15 10.76 6.61
C PRO A 44 11.13 11.75 5.45
N MET A 45 10.77 11.26 4.28
CA MET A 45 10.70 12.11 3.09
C MET A 45 9.66 11.58 2.11
N GLY A 46 9.68 10.26 1.89
CA GLY A 46 8.72 9.64 0.97
C GLY A 46 9.21 9.76 -0.47
N SER A 47 9.54 8.63 -1.08
CA SER A 47 10.02 8.61 -2.45
C SER A 47 8.85 8.78 -3.42
N ASP A 48 9.16 9.18 -4.65
CA ASP A 48 8.12 9.38 -5.67
C ASP A 48 7.95 8.11 -6.49
N LYS A 49 6.89 8.07 -7.29
CA LYS A 49 6.61 6.91 -8.12
C LYS A 49 7.49 6.91 -9.36
N GLN A 50 8.40 5.94 -9.43
CA GLN A 50 9.31 5.82 -10.58
C GLN A 50 9.37 4.38 -11.07
N ILE A 51 10.25 4.14 -12.03
CA ILE A 51 10.39 2.80 -12.59
C ILE A 51 9.03 2.22 -12.95
N LYS A 52 8.55 2.55 -14.14
CA LYS A 52 7.26 2.06 -14.60
C LYS A 52 7.35 0.59 -14.97
N ASN A 53 6.87 -0.28 -14.09
CA ASN A 53 6.91 -1.71 -14.34
C ASN A 53 5.82 -2.10 -15.34
N GLY A 54 4.73 -1.34 -15.35
CA GLY A 54 3.63 -1.61 -16.26
C GLY A 54 2.80 -2.80 -15.78
N GLU A 55 1.95 -3.33 -16.66
CA GLU A 55 1.10 -4.45 -16.31
C GLU A 55 1.89 -5.76 -16.38
N CYS A 56 1.45 -6.76 -15.63
CA CYS A 56 2.13 -8.06 -15.61
C CYS A 56 1.11 -9.18 -15.72
N ASP A 57 1.08 -9.84 -16.88
CA ASP A 57 0.15 -10.94 -17.11
C ASP A 57 -1.28 -10.41 -17.22
N LYS A 58 -1.50 -9.21 -16.66
CA LYS A 58 -2.82 -8.60 -16.70
C LYS A 58 -3.79 -9.36 -15.81
N ALA A 59 -3.63 -10.68 -15.75
CA ALA A 59 -4.51 -11.52 -14.94
C ALA A 59 -3.96 -11.64 -13.52
N TYR A 60 -2.71 -11.25 -13.34
CA TYR A 60 -2.08 -11.33 -12.03
C TYR A 60 -2.87 -10.50 -11.01
N LEU A 61 -3.50 -9.43 -11.49
CA LEU A 61 -4.27 -8.55 -10.62
C LEU A 61 -5.32 -9.36 -9.85
N ASP A 62 -5.82 -10.42 -10.48
CA ASP A 62 -6.84 -11.26 -9.84
C ASP A 62 -6.41 -11.60 -8.42
N GLU A 63 -5.14 -11.97 -8.25
CA GLU A 63 -4.63 -12.33 -6.93
C GLU A 63 -4.60 -11.11 -6.01
N LEU A 64 -3.98 -10.04 -6.48
CA LEU A 64 -3.89 -8.81 -5.70
C LEU A 64 -5.25 -8.43 -5.13
N VAL A 65 -6.26 -8.42 -5.99
CA VAL A 65 -7.60 -8.07 -5.56
C VAL A 65 -8.06 -9.01 -4.44
N GLU A 66 -7.96 -10.31 -4.70
CA GLU A 66 -8.37 -11.29 -3.71
C GLU A 66 -7.47 -11.26 -2.49
N LEU A 67 -6.31 -10.61 -2.64
CA LEU A 67 -5.36 -10.50 -1.56
C LEU A 67 -5.78 -9.42 -0.55
N HIS A 68 -6.21 -8.28 -1.07
CA HIS A 68 -6.64 -7.19 -0.22
C HIS A 68 -7.73 -7.68 0.74
N ARG A 69 -8.63 -8.52 0.23
CA ARG A 69 -9.71 -9.03 1.06
C ARG A 69 -9.17 -9.91 2.18
N ARG A 70 -8.67 -11.10 1.80
CA ARG A 70 -8.14 -12.04 2.77
C ARG A 70 -7.37 -11.31 3.87
N LEU A 71 -6.78 -10.17 3.51
CA LEU A 71 -6.01 -9.38 4.47
C LEU A 71 -6.93 -8.54 5.35
N MET A 72 -7.98 -8.01 4.75
CA MET A 72 -8.93 -7.18 5.48
C MET A 72 -9.58 -7.99 6.61
N THR A 73 -8.83 -8.20 7.69
CA THR A 73 -9.36 -8.94 8.83
C THR A 73 -9.84 -10.32 8.40
N LEU A 74 -8.90 -11.26 8.30
CA LEU A 74 -9.25 -12.62 7.91
C LEU A 74 -10.15 -13.28 8.95
N ARG A 75 -9.53 -13.81 10.00
CA ARG A 75 -10.28 -14.47 11.06
C ARG A 75 -9.53 -14.38 12.38
N GLU A 76 -8.21 -14.59 12.32
CA GLU A 76 -7.38 -14.54 13.52
C GLU A 76 -7.39 -13.14 14.12
N ARG A 77 -7.22 -12.15 13.27
CA ARG A 77 -7.21 -10.76 13.71
C ARG A 77 -6.17 -10.56 14.81
N HIS A 78 -5.00 -11.16 14.62
CA HIS A 78 -3.93 -11.05 15.60
C HIS A 78 -2.57 -11.17 14.93
N ILE A 79 -2.57 -11.22 13.60
CA ILE A 79 -1.33 -11.31 12.84
C ILE A 79 -0.98 -9.97 12.22
N LEU A 80 -1.87 -9.00 12.39
CA LEU A 80 -1.64 -7.66 11.85
C LEU A 80 -0.42 -7.01 12.50
N GLN A 81 -0.24 -7.28 13.79
CA GLN A 81 0.89 -6.72 14.52
C GLN A 81 2.20 -7.23 13.94
N GLN A 82 2.10 -8.15 12.98
CA GLN A 82 3.28 -8.72 12.33
C GLN A 82 3.43 -8.20 10.90
N ILE A 83 2.31 -7.81 10.31
CA ILE A 83 2.31 -7.31 8.95
C ILE A 83 2.77 -5.86 8.91
N VAL A 84 2.27 -5.04 9.83
CA VAL A 84 2.65 -3.63 9.87
C VAL A 84 4.15 -3.46 10.00
N ASN A 85 4.75 -4.26 10.88
CA ASN A 85 6.20 -4.18 11.08
C ASN A 85 6.95 -4.56 9.80
N LEU A 86 6.40 -5.53 9.08
CA LEU A 86 7.03 -5.98 7.85
C LEU A 86 7.22 -4.82 6.88
N ILE A 87 6.16 -4.05 6.67
CA ILE A 87 6.23 -2.92 5.76
C ILE A 87 7.07 -1.79 6.35
N GLU A 88 6.98 -1.62 7.67
CA GLU A 88 7.76 -0.59 8.34
C GLU A 88 9.24 -0.76 8.03
N GLU A 89 9.64 -2.00 7.75
CA GLU A 89 11.03 -2.29 7.44
C GLU A 89 11.34 -2.00 5.97
N THR A 90 10.40 -2.35 5.10
CA THR A 90 10.57 -2.17 3.67
C THR A 90 10.56 -0.70 3.28
N GLY A 91 9.37 -0.12 3.18
CA GLY A 91 9.22 1.29 2.81
C GLY A 91 8.12 1.44 1.79
N HIS A 92 7.71 2.69 1.53
CA HIS A 92 6.65 2.95 0.56
C HIS A 92 5.28 2.65 1.16
N PHE A 93 5.02 3.24 2.33
CA PHE A 93 3.73 3.03 2.99
C PHE A 93 3.27 4.30 3.69
N HIS A 94 1.99 4.62 3.54
CA HIS A 94 1.44 5.82 4.15
C HIS A 94 0.95 5.48 5.54
N ILE A 95 1.39 6.26 6.53
CA ILE A 95 1.00 6.03 7.92
C ILE A 95 0.06 7.11 8.43
N THR A 96 -0.86 6.72 9.31
CA THR A 96 -1.78 7.68 9.88
C THR A 96 -2.24 7.20 11.26
N ASN A 97 -2.41 8.15 12.17
CA ASN A 97 -2.85 7.81 13.53
C ASN A 97 -4.29 7.32 13.52
N THR A 98 -4.88 7.21 12.34
CA THR A 98 -6.26 6.74 12.22
C THR A 98 -6.39 5.70 11.10
N THR A 99 -5.33 5.56 10.29
CA THR A 99 -5.33 4.61 9.20
C THR A 99 -3.92 4.42 8.64
N PHE A 100 -3.69 3.28 8.01
CA PHE A 100 -2.37 3.00 7.43
C PHE A 100 -2.53 1.96 6.32
N ASP A 101 -2.04 2.29 5.14
CA ASP A 101 -2.11 1.38 3.99
C ASP A 101 -0.79 1.32 3.24
N PHE A 102 -0.82 0.71 2.06
CA PHE A 102 0.38 0.63 1.24
C PHE A 102 0.03 0.10 -0.15
N ASP A 103 0.96 0.23 -1.09
CA ASP A 103 0.73 -0.23 -2.45
C ASP A 103 1.63 -1.41 -2.79
N LEU A 104 1.02 -2.59 -2.92
CA LEU A 104 1.76 -3.80 -3.25
C LEU A 104 2.08 -3.82 -4.74
N CYS A 105 1.54 -2.85 -5.48
CA CYS A 105 1.78 -2.77 -6.90
C CYS A 105 3.17 -2.23 -7.18
N SER A 106 3.98 -2.09 -6.13
CA SER A 106 5.34 -1.57 -6.26
C SER A 106 6.32 -2.43 -5.47
N LEU A 107 5.87 -2.92 -4.32
CA LEU A 107 6.72 -3.75 -3.48
C LEU A 107 7.05 -5.06 -4.18
N ASP A 108 8.28 -5.53 -4.00
CA ASP A 108 8.72 -6.77 -4.62
C ASP A 108 7.67 -7.86 -4.42
N LYS A 109 7.64 -8.81 -5.34
CA LYS A 109 6.68 -9.90 -5.25
C LYS A 109 7.00 -10.81 -4.07
N THR A 110 8.18 -10.63 -3.50
CA THR A 110 8.60 -11.43 -2.35
C THR A 110 7.74 -11.11 -1.13
N THR A 111 7.64 -9.83 -0.81
CA THR A 111 6.84 -9.39 0.32
C THR A 111 5.43 -9.97 0.25
N VAL A 112 4.85 -9.89 -0.96
CA VAL A 112 3.50 -10.40 -1.17
C VAL A 112 3.46 -11.92 -0.99
N ARG A 113 4.48 -12.59 -1.51
CA ARG A 113 4.56 -14.04 -1.42
C ARG A 113 4.66 -14.49 0.04
N LYS A 114 5.42 -13.73 0.82
CA LYS A 114 5.59 -14.05 2.22
C LYS A 114 4.29 -13.86 2.99
N LEU A 115 3.63 -12.73 2.74
CA LEU A 115 2.39 -12.42 3.42
C LEU A 115 1.39 -13.56 3.24
N GLN A 116 0.92 -13.74 2.01
CA GLN A 116 -0.05 -14.80 1.72
C GLN A 116 0.37 -16.09 2.42
N SER A 117 1.67 -16.36 2.44
CA SER A 117 2.17 -17.57 3.08
C SER A 117 1.58 -17.73 4.47
N TYR A 118 1.77 -16.71 5.31
CA TYR A 118 1.25 -16.76 6.67
C TYR A 118 -0.26 -16.85 6.68
N LEU A 119 -0.91 -16.20 5.72
CA LEU A 119 -2.36 -16.23 5.63
C LEU A 119 -2.87 -17.64 5.47
N GLU A 120 -1.97 -18.57 5.21
CA GLU A 120 -2.34 -19.96 5.03
C GLU A 120 -1.11 -20.84 4.86
N THR A 121 -0.13 -20.65 5.73
CA THR A 121 1.10 -21.43 5.68
C THR A 121 0.82 -22.90 5.99
N SER A 122 -0.33 -23.15 6.61
CA SER A 122 -0.70 -24.52 6.96
C SER A 122 0.34 -25.13 7.90
N GLY A 123 0.45 -26.45 7.86
CA GLY A 123 1.41 -27.16 8.71
C GLY A 123 2.83 -27.00 8.17
N THR A 124 3.49 -25.92 8.58
CA THR A 124 4.86 -25.65 8.12
C THR A 124 5.80 -26.75 8.61
N SER A 125 6.25 -26.61 9.86
CA SER A 125 7.17 -27.59 10.44
C SER A 125 6.40 -28.82 10.92
N THR A 1 -27.16 25.81 -12.08
CA THR A 1 -28.18 26.65 -12.79
C THR A 1 -27.49 27.86 -13.40
N ARG A 2 -26.85 28.66 -12.55
CA ARG A 2 -26.15 29.86 -13.03
C ARG A 2 -24.77 29.95 -12.39
N LEU A 3 -23.74 29.62 -13.17
CA LEU A 3 -22.37 29.67 -12.68
C LEU A 3 -21.43 30.12 -13.79
N PRO A 4 -21.50 31.37 -14.16
CA PRO A 4 -20.64 31.95 -15.23
C PRO A 4 -19.16 31.77 -14.93
N LEU A 5 -18.67 32.52 -13.94
CA LEU A 5 -17.27 32.44 -13.54
C LEU A 5 -17.10 31.54 -12.33
N PRO A 6 -17.96 31.68 -11.35
CA PRO A 6 -17.88 30.87 -10.10
C PRO A 6 -17.88 29.37 -10.40
N LEU A 7 -16.72 28.74 -10.24
CA LEU A 7 -16.61 27.31 -10.49
C LEU A 7 -15.40 26.73 -9.74
N ARG A 8 -14.22 27.22 -10.09
CA ARG A 8 -13.00 26.74 -9.44
C ARG A 8 -12.94 27.21 -7.99
N ASP A 9 -13.57 28.34 -7.71
CA ASP A 9 -13.59 28.89 -6.36
C ASP A 9 -14.37 27.98 -5.42
N THR A 10 -13.66 27.05 -4.78
CA THR A 10 -14.30 26.13 -3.86
C THR A 10 -13.27 25.48 -2.94
N LYS A 11 -12.04 25.98 -3.00
CA LYS A 11 -10.96 25.43 -2.18
C LYS A 11 -10.07 26.56 -1.65
N LEU A 12 -10.12 26.76 -0.33
CA LEU A 12 -9.31 27.81 0.29
C LEU A 12 -7.86 27.36 0.43
N LEU A 13 -7.64 26.07 0.24
CA LEU A 13 -6.29 25.53 0.35
C LEU A 13 -5.48 25.85 -0.90
N SER A 14 -4.72 24.87 -1.38
CA SER A 14 -3.89 25.06 -2.56
C SER A 14 -3.18 23.75 -2.92
N PRO A 15 -2.59 23.11 -1.94
CA PRO A 15 -1.84 21.83 -2.16
C PRO A 15 -2.73 20.77 -2.82
N LEU A 16 -2.12 19.96 -3.67
CA LEU A 16 -2.86 18.90 -4.36
C LEU A 16 -3.80 19.50 -5.39
N ARG A 17 -3.34 19.52 -6.64
CA ARG A 17 -4.16 20.07 -7.73
C ARG A 17 -3.92 19.27 -9.01
N ASP A 18 -3.00 18.31 -8.96
CA ASP A 18 -2.70 17.49 -10.12
C ASP A 18 -2.12 16.15 -9.70
N THR A 19 -2.11 15.19 -10.62
CA THR A 19 -1.57 13.87 -10.33
C THR A 19 -2.33 13.23 -9.16
N PRO A 20 -3.55 12.81 -9.39
CA PRO A 20 -4.38 12.19 -8.33
C PRO A 20 -4.00 10.74 -8.06
N PRO A 21 -4.39 10.22 -6.93
CA PRO A 21 -4.07 8.80 -6.55
C PRO A 21 -4.28 7.82 -7.72
N PRO A 22 -3.53 6.76 -7.77
CA PRO A 22 -3.66 5.73 -8.83
C PRO A 22 -4.90 4.86 -8.64
N GLN A 23 -5.75 5.23 -7.67
CA GLN A 23 -6.96 4.47 -7.40
C GLN A 23 -6.61 3.02 -7.03
N SER A 24 -6.77 2.12 -8.00
CA SER A 24 -6.48 0.72 -7.78
C SER A 24 -7.04 0.26 -6.44
N LEU A 25 -6.26 -0.54 -5.71
CA LEU A 25 -6.69 -1.04 -4.41
C LEU A 25 -5.57 -0.88 -3.38
N MET A 26 -5.94 -0.40 -2.20
CA MET A 26 -4.96 -0.19 -1.13
C MET A 26 -5.42 -0.87 0.16
N VAL A 27 -4.62 -1.81 0.66
CA VAL A 27 -4.98 -2.52 1.88
C VAL A 27 -4.91 -1.58 3.07
N LYS A 28 -6.03 -1.45 3.77
CA LYS A 28 -6.10 -0.55 4.93
C LYS A 28 -6.66 -1.28 6.13
N ILE A 29 -5.91 -1.27 7.23
CA ILE A 29 -6.34 -1.93 8.46
C ILE A 29 -6.79 -0.91 9.49
N THR A 30 -8.07 -0.93 9.82
CA THR A 30 -8.62 0.00 10.79
C THR A 30 -7.72 0.08 12.02
N LEU A 31 -7.69 1.25 12.65
CA LEU A 31 -6.86 1.45 13.84
C LEU A 31 -7.58 0.95 15.08
N ASP A 32 -8.88 1.09 15.08
CA ASP A 32 -9.67 0.65 16.22
C ASP A 32 -9.44 -0.83 16.51
N LEU A 33 -8.68 -1.49 15.63
CA LEU A 33 -8.38 -2.91 15.78
C LEU A 33 -6.89 -3.14 15.96
N LEU A 34 -6.16 -2.07 16.29
CA LEU A 34 -4.72 -2.15 16.50
C LEU A 34 -4.36 -1.63 17.88
N SER A 35 -3.22 -2.08 18.38
CA SER A 35 -2.74 -1.66 19.70
C SER A 35 -1.48 -0.80 19.57
N ARG A 36 -0.40 -1.40 19.08
CA ARG A 36 0.86 -0.68 18.91
C ARG A 36 0.93 -0.08 17.52
N ILE A 37 1.33 1.20 17.45
CA ILE A 37 1.44 1.89 16.17
C ILE A 37 2.83 2.52 16.00
N PRO A 38 3.49 2.27 14.89
CA PRO A 38 4.85 2.84 14.63
C PRO A 38 4.96 4.30 15.06
N GLN A 39 6.14 4.67 15.55
CA GLN A 39 6.35 6.04 16.00
C GLN A 39 6.23 7.04 14.85
N PRO A 40 5.63 8.19 15.08
CA PRO A 40 5.47 9.23 14.03
C PRO A 40 6.73 9.40 13.17
N PRO A 41 6.71 8.95 11.93
CA PRO A 41 7.88 9.07 11.01
C PRO A 41 8.02 10.48 10.44
N GLY A 42 9.18 11.09 10.66
CA GLY A 42 9.43 12.44 10.17
C GLY A 42 9.66 12.44 8.65
N LYS A 43 8.76 13.10 7.93
CA LYS A 43 8.87 13.19 6.49
C LYS A 43 9.27 11.84 5.89
N PRO A 44 8.33 10.93 5.74
CA PRO A 44 8.60 9.58 5.18
C PRO A 44 8.72 9.61 3.66
N MET A 45 9.14 10.75 3.11
CA MET A 45 9.30 10.92 1.67
C MET A 45 8.29 10.06 0.90
N GLY A 46 8.79 9.17 0.05
CA GLY A 46 7.93 8.29 -0.71
C GLY A 46 7.30 9.03 -1.88
N SER A 47 8.15 9.66 -2.70
CA SER A 47 7.66 10.42 -3.84
C SER A 47 7.29 9.48 -4.98
N ASP A 48 6.76 10.04 -6.06
CA ASP A 48 6.38 9.25 -7.22
C ASP A 48 7.61 8.72 -7.94
N LYS A 49 7.39 8.03 -9.06
CA LYS A 49 8.50 7.47 -9.85
C LYS A 49 8.57 8.15 -11.22
N GLN A 50 7.80 9.22 -11.38
CA GLN A 50 7.78 9.95 -12.65
C GLN A 50 7.46 9.00 -13.79
N ILE A 51 8.48 8.62 -14.56
CA ILE A 51 8.29 7.72 -15.67
C ILE A 51 7.48 6.50 -15.25
N LYS A 52 6.90 5.81 -16.22
CA LYS A 52 6.09 4.64 -15.95
C LYS A 52 6.19 3.62 -17.08
N ASN A 53 5.63 3.96 -18.23
CA ASN A 53 5.69 3.07 -19.38
C ASN A 53 5.25 1.67 -19.00
N GLY A 54 4.03 1.30 -19.37
CA GLY A 54 3.50 -0.02 -19.06
C GLY A 54 3.21 -0.15 -17.58
N GLU A 55 1.93 -0.16 -17.23
CA GLU A 55 1.52 -0.29 -15.83
C GLU A 55 1.55 -1.75 -15.40
N CYS A 56 1.83 -2.64 -16.35
CA CYS A 56 1.89 -4.07 -16.04
C CYS A 56 0.58 -4.54 -15.42
N ASP A 57 -0.14 -5.41 -16.14
CA ASP A 57 -1.41 -5.94 -15.66
C ASP A 57 -1.57 -7.40 -16.03
N LYS A 58 -1.81 -7.65 -17.32
CA LYS A 58 -1.98 -9.02 -17.79
C LYS A 58 -3.07 -9.73 -17.00
N ALA A 59 -2.69 -10.26 -15.84
CA ALA A 59 -3.65 -10.97 -14.99
C ALA A 59 -3.12 -11.05 -13.56
N TYR A 60 -1.85 -10.73 -13.38
CA TYR A 60 -1.24 -10.78 -12.05
C TYR A 60 -2.09 -10.02 -11.03
N LEU A 61 -2.62 -8.86 -11.44
CA LEU A 61 -3.44 -8.06 -10.55
C LEU A 61 -4.55 -8.90 -9.95
N ASP A 62 -4.94 -9.97 -10.65
CA ASP A 62 -6.00 -10.85 -10.16
C ASP A 62 -5.73 -11.26 -8.72
N GLU A 63 -4.46 -11.52 -8.42
CA GLU A 63 -4.07 -11.93 -7.07
C GLU A 63 -4.22 -10.76 -6.09
N LEU A 64 -3.50 -9.68 -6.34
CA LEU A 64 -3.56 -8.51 -5.49
C LEU A 64 -5.01 -8.13 -5.20
N VAL A 65 -5.82 -8.07 -6.26
CA VAL A 65 -7.22 -7.71 -6.11
C VAL A 65 -7.93 -8.66 -5.13
N GLU A 66 -7.91 -9.95 -5.46
CA GLU A 66 -8.55 -10.94 -4.62
C GLU A 66 -7.95 -10.93 -3.22
N LEU A 67 -6.68 -10.55 -3.13
CA LEU A 67 -6.01 -10.50 -1.85
C LEU A 67 -6.59 -9.39 -0.97
N HIS A 68 -6.64 -8.19 -1.52
CA HIS A 68 -7.19 -7.04 -0.80
C HIS A 68 -8.44 -7.46 -0.02
N ARG A 69 -9.30 -8.24 -0.67
CA ARG A 69 -10.52 -8.70 -0.03
C ARG A 69 -10.22 -9.61 1.15
N ARG A 70 -9.75 -10.82 0.85
CA ARG A 70 -9.43 -11.78 1.89
C ARG A 70 -8.71 -11.11 3.05
N LEU A 71 -8.03 -10.00 2.77
CA LEU A 71 -7.30 -9.29 3.81
C LEU A 71 -8.25 -8.49 4.69
N MET A 72 -9.30 -7.96 4.07
CA MET A 72 -10.28 -7.18 4.82
C MET A 72 -10.99 -8.06 5.85
N THR A 73 -10.84 -9.37 5.71
CA THR A 73 -11.46 -10.31 6.63
C THR A 73 -10.88 -10.13 8.03
N LEU A 74 -9.57 -10.01 8.11
CA LEU A 74 -8.90 -9.84 9.38
C LEU A 74 -9.22 -11.00 10.33
N ARG A 75 -10.18 -10.79 11.21
CA ARG A 75 -10.58 -11.81 12.17
C ARG A 75 -9.36 -12.28 12.97
N GLU A 76 -8.64 -11.34 13.55
CA GLU A 76 -7.47 -11.67 14.34
C GLU A 76 -6.97 -10.45 15.11
N ARG A 77 -5.93 -10.63 15.91
CA ARG A 77 -5.37 -9.53 16.69
C ARG A 77 -4.13 -10.00 17.45
N HIS A 78 -3.06 -10.32 16.72
CA HIS A 78 -1.82 -10.77 17.33
C HIS A 78 -0.75 -10.94 16.29
N ILE A 79 -1.14 -11.02 15.02
CA ILE A 79 -0.19 -11.18 13.93
C ILE A 79 0.10 -9.82 13.29
N LEU A 80 -0.83 -8.89 13.46
CA LEU A 80 -0.66 -7.56 12.88
C LEU A 80 0.68 -6.96 13.27
N GLN A 81 1.15 -7.32 14.46
CA GLN A 81 2.43 -6.81 14.94
C GLN A 81 3.57 -7.23 14.01
N GLN A 82 3.24 -8.10 13.06
CA GLN A 82 4.24 -8.58 12.08
C GLN A 82 4.03 -7.92 10.74
N ILE A 83 2.77 -7.81 10.33
CA ILE A 83 2.46 -7.19 9.04
C ILE A 83 2.96 -5.75 9.00
N VAL A 84 2.59 -4.95 10.00
CA VAL A 84 3.01 -3.56 10.03
C VAL A 84 4.53 -3.47 9.97
N ASN A 85 5.20 -4.31 10.74
CA ASN A 85 6.66 -4.32 10.76
C ASN A 85 7.21 -4.67 9.39
N LEU A 86 6.69 -5.73 8.80
CA LEU A 86 7.15 -6.17 7.49
C LEU A 86 7.21 -5.00 6.51
N ILE A 87 6.09 -4.32 6.36
CA ILE A 87 6.03 -3.19 5.44
C ILE A 87 6.88 -2.04 5.94
N GLU A 88 6.88 -1.82 7.23
CA GLU A 88 7.66 -0.74 7.81
C GLU A 88 9.08 -0.74 7.24
N GLU A 89 9.64 -1.94 7.07
CA GLU A 89 11.00 -2.06 6.55
C GLU A 89 11.07 -1.53 5.11
N THR A 90 9.96 -1.68 4.38
CA THR A 90 9.92 -1.23 2.99
C THR A 90 10.19 0.27 2.91
N GLY A 91 9.12 1.06 2.83
CA GLY A 91 9.25 2.51 2.75
C GLY A 91 8.15 3.11 1.88
N HIS A 92 7.22 2.27 1.44
CA HIS A 92 6.12 2.72 0.59
C HIS A 92 4.76 2.45 1.25
N PHE A 93 4.56 3.03 2.43
CA PHE A 93 3.32 2.86 3.17
C PHE A 93 2.93 4.14 3.86
N HIS A 94 1.65 4.53 3.73
CA HIS A 94 1.17 5.75 4.35
C HIS A 94 0.64 5.44 5.74
N ILE A 95 1.12 6.20 6.72
CA ILE A 95 0.72 6.00 8.11
C ILE A 95 -0.19 7.13 8.60
N THR A 96 -1.11 6.80 9.48
CA THR A 96 -2.01 7.80 10.04
C THR A 96 -2.50 7.35 11.41
N ASN A 97 -2.67 8.30 12.31
CA ASN A 97 -3.13 7.99 13.65
C ASN A 97 -4.57 7.50 13.62
N THR A 98 -5.16 7.38 12.42
CA THR A 98 -6.53 6.90 12.30
C THR A 98 -6.66 6.01 11.07
N THR A 99 -5.54 5.79 10.35
CA THR A 99 -5.55 4.96 9.15
C THR A 99 -4.12 4.65 8.70
N PHE A 100 -3.92 3.47 8.13
CA PHE A 100 -2.61 3.07 7.65
C PHE A 100 -2.77 2.01 6.58
N ASP A 101 -2.28 2.29 5.38
CA ASP A 101 -2.35 1.35 4.26
C ASP A 101 -1.02 1.30 3.52
N PHE A 102 -1.06 0.66 2.35
CA PHE A 102 0.13 0.56 1.51
C PHE A 102 -0.22 -0.07 0.17
N ASP A 103 0.75 -0.06 -0.74
CA ASP A 103 0.54 -0.63 -2.09
C ASP A 103 1.51 -1.78 -2.35
N LEU A 104 0.95 -2.99 -2.45
CA LEU A 104 1.78 -4.17 -2.70
C LEU A 104 2.14 -4.26 -4.17
N CYS A 105 1.61 -3.34 -4.96
CA CYS A 105 1.89 -3.32 -6.40
C CYS A 105 3.35 -2.99 -6.65
N SER A 106 4.05 -2.51 -5.61
CA SER A 106 5.46 -2.15 -5.75
C SER A 106 6.35 -3.22 -5.11
N LEU A 107 6.08 -3.51 -3.85
CA LEU A 107 6.86 -4.52 -3.12
C LEU A 107 7.12 -5.74 -4.01
N ASP A 108 8.33 -6.29 -3.92
CA ASP A 108 8.69 -7.45 -4.72
C ASP A 108 7.58 -8.50 -4.65
N LYS A 109 7.51 -9.34 -5.67
CA LYS A 109 6.48 -10.38 -5.72
C LYS A 109 6.69 -11.39 -4.60
N THR A 110 7.90 -11.41 -4.04
CA THR A 110 8.22 -12.34 -2.97
C THR A 110 7.51 -11.93 -1.68
N THR A 111 7.32 -10.63 -1.51
CA THR A 111 6.64 -10.11 -0.32
C THR A 111 5.24 -10.73 -0.19
N VAL A 112 4.43 -10.53 -1.22
CA VAL A 112 3.07 -11.06 -1.21
C VAL A 112 3.09 -12.59 -1.09
N ARG A 113 4.04 -13.21 -1.78
CA ARG A 113 4.14 -14.67 -1.74
C ARG A 113 4.41 -15.15 -0.31
N LYS A 114 5.31 -14.45 0.37
CA LYS A 114 5.64 -14.80 1.74
C LYS A 114 4.46 -14.55 2.67
N LEU A 115 3.87 -13.37 2.53
CA LEU A 115 2.74 -13.01 3.36
C LEU A 115 1.66 -14.08 3.24
N GLN A 116 1.15 -14.26 2.02
CA GLN A 116 0.11 -15.24 1.77
C GLN A 116 0.44 -16.55 2.47
N SER A 117 1.73 -16.90 2.49
CA SER A 117 2.16 -18.13 3.14
C SER A 117 1.67 -18.19 4.58
N TYR A 118 2.28 -17.37 5.43
CA TYR A 118 1.88 -17.35 6.84
C TYR A 118 0.36 -17.34 6.97
N LEU A 119 -0.29 -16.60 6.08
CA LEU A 119 -1.73 -16.48 6.12
C LEU A 119 -2.38 -17.86 6.00
N GLU A 120 -1.91 -18.61 5.01
CA GLU A 120 -2.45 -19.94 4.77
C GLU A 120 -2.05 -20.88 5.90
N THR A 121 -0.90 -21.50 5.74
CA THR A 121 -0.40 -22.44 6.75
C THR A 121 -1.46 -23.46 7.09
N SER A 122 -1.68 -24.41 6.19
CA SER A 122 -2.69 -25.45 6.41
C SER A 122 -2.36 -26.70 5.60
N GLY A 123 -1.49 -27.55 6.16
CA GLY A 123 -1.10 -28.77 5.48
C GLY A 123 -0.09 -29.56 6.30
N THR A 124 0.74 -28.85 7.04
CA THR A 124 1.75 -29.49 7.89
C THR A 124 1.08 -30.40 8.92
N SER A 125 1.89 -31.20 9.60
CA SER A 125 1.37 -32.12 10.61
C SER A 125 2.51 -32.69 11.45
N THR A 1 12.79 39.81 11.42
CA THR A 1 12.05 40.65 12.40
C THR A 1 11.10 41.59 11.65
N ARG A 2 11.50 41.99 10.44
CA ARG A 2 10.68 42.89 9.63
C ARG A 2 11.01 42.72 8.15
N LEU A 3 10.31 41.79 7.49
CA LEU A 3 10.54 41.52 6.08
C LEU A 3 9.30 40.87 5.46
N PRO A 4 8.15 41.46 5.66
CA PRO A 4 6.87 40.93 5.13
C PRO A 4 6.86 40.91 3.61
N LEU A 5 6.21 39.91 3.03
CA LEU A 5 6.13 39.78 1.58
C LEU A 5 4.83 39.09 1.17
N PRO A 6 3.71 39.68 1.51
CA PRO A 6 2.37 39.12 1.18
C PRO A 6 2.06 39.25 -0.30
N LEU A 7 2.33 40.42 -0.87
CA LEU A 7 2.06 40.67 -2.27
C LEU A 7 0.69 40.12 -2.66
N ARG A 8 -0.34 40.95 -2.53
CA ARG A 8 -1.70 40.53 -2.86
C ARG A 8 -2.07 39.27 -2.08
N ASP A 9 -3.01 39.41 -1.16
CA ASP A 9 -3.45 38.26 -0.36
C ASP A 9 -4.28 37.31 -1.20
N THR A 10 -4.32 37.54 -2.50
CA THR A 10 -5.08 36.69 -3.42
C THR A 10 -4.20 35.60 -4.00
N LYS A 11 -3.42 35.94 -5.02
CA LYS A 11 -2.54 34.97 -5.65
C LYS A 11 -3.31 33.73 -6.07
N LEU A 12 -3.69 33.67 -7.33
CA LEU A 12 -4.44 32.53 -7.84
C LEU A 12 -3.53 31.34 -8.07
N LEU A 13 -3.49 30.44 -7.09
CA LEU A 13 -2.66 29.25 -7.18
C LEU A 13 -3.39 28.15 -7.92
N SER A 14 -4.03 28.52 -9.02
CA SER A 14 -4.78 27.55 -9.81
C SER A 14 -3.93 26.31 -10.09
N PRO A 15 -4.54 25.17 -10.26
CA PRO A 15 -3.82 23.89 -10.55
C PRO A 15 -3.21 23.89 -11.95
N LEU A 16 -2.18 23.07 -12.14
CA LEU A 16 -1.49 22.97 -13.43
C LEU A 16 -1.91 21.70 -14.15
N ARG A 17 -3.14 21.69 -14.68
CA ARG A 17 -3.65 20.53 -15.38
C ARG A 17 -3.54 19.29 -14.50
N ASP A 18 -4.67 18.84 -13.96
CA ASP A 18 -4.68 17.66 -13.11
C ASP A 18 -4.33 16.42 -13.91
N THR A 19 -3.43 15.60 -13.37
CA THR A 19 -3.01 14.38 -14.06
C THR A 19 -3.78 13.17 -13.52
N PRO A 20 -4.01 12.18 -14.35
CA PRO A 20 -4.77 10.95 -13.94
C PRO A 20 -3.99 10.13 -12.89
N PRO A 21 -4.50 9.98 -11.68
CA PRO A 21 -3.80 9.20 -10.62
C PRO A 21 -3.95 7.68 -10.82
N PRO A 22 -3.10 6.90 -10.19
CA PRO A 22 -3.13 5.42 -10.30
C PRO A 22 -4.56 4.88 -10.33
N GLN A 23 -5.29 5.10 -9.24
CA GLN A 23 -6.66 4.63 -9.14
C GLN A 23 -6.71 3.10 -9.24
N SER A 24 -6.31 2.43 -8.17
CA SER A 24 -6.30 0.96 -8.15
C SER A 24 -6.84 0.46 -6.82
N LEU A 25 -6.07 -0.42 -6.16
CA LEU A 25 -6.48 -0.98 -4.87
C LEU A 25 -5.34 -0.85 -3.87
N MET A 26 -5.68 -0.39 -2.66
CA MET A 26 -4.70 -0.21 -1.59
C MET A 26 -5.17 -0.93 -0.35
N VAL A 27 -4.40 -1.92 0.11
CA VAL A 27 -4.76 -2.67 1.29
C VAL A 27 -4.72 -1.78 2.51
N LYS A 28 -5.83 -1.72 3.25
CA LYS A 28 -5.90 -0.89 4.45
C LYS A 28 -6.37 -1.73 5.62
N ILE A 29 -5.58 -1.75 6.69
CA ILE A 29 -5.93 -2.52 7.89
C ILE A 29 -6.37 -1.60 9.01
N THR A 30 -7.61 -1.76 9.44
CA THR A 30 -8.16 -0.94 10.52
C THR A 30 -7.10 -0.67 11.58
N LEU A 31 -6.54 0.53 11.54
CA LEU A 31 -5.48 0.90 12.48
C LEU A 31 -6.07 1.17 13.86
N ASP A 32 -7.39 1.18 13.96
CA ASP A 32 -8.04 1.41 15.24
C ASP A 32 -7.74 0.27 16.21
N LEU A 33 -7.56 -0.95 15.69
CA LEU A 33 -7.30 -2.11 16.56
C LEU A 33 -5.88 -2.63 16.37
N LEU A 34 -4.97 -1.72 16.05
CA LEU A 34 -3.56 -2.09 15.87
C LEU A 34 -2.88 -2.29 17.21
N SER A 35 -3.23 -1.43 18.16
CA SER A 35 -2.65 -1.49 19.50
C SER A 35 -1.22 -0.91 19.50
N ARG A 36 -0.27 -1.70 19.00
CA ARG A 36 1.12 -1.27 18.95
C ARG A 36 1.37 -0.38 17.75
N ILE A 37 1.91 0.82 18.01
CA ILE A 37 2.19 1.77 16.93
C ILE A 37 3.71 2.01 16.81
N PRO A 38 4.26 1.92 15.61
CA PRO A 38 5.71 2.15 15.39
C PRO A 38 6.09 3.60 15.60
N GLN A 39 7.17 3.84 16.32
CA GLN A 39 7.59 5.20 16.58
C GLN A 39 7.71 5.98 15.26
N PRO A 40 7.31 7.26 15.23
CA PRO A 40 7.43 8.10 14.00
C PRO A 40 8.80 7.99 13.33
N PRO A 41 9.89 8.13 14.07
CA PRO A 41 11.26 8.04 13.49
C PRO A 41 11.62 6.60 13.05
N GLY A 42 12.81 6.47 12.47
CA GLY A 42 13.28 5.16 12.01
C GLY A 42 13.01 4.98 10.51
N LYS A 43 13.73 5.75 9.69
CA LYS A 43 13.57 5.67 8.24
C LYS A 43 14.93 5.61 7.55
N PRO A 44 15.73 4.62 7.90
CA PRO A 44 17.08 4.45 7.31
C PRO A 44 17.01 3.99 5.86
N MET A 45 18.14 3.50 5.33
CA MET A 45 18.18 3.03 3.96
C MET A 45 17.37 1.74 3.80
N GLY A 46 16.23 1.86 3.11
CA GLY A 46 15.35 0.71 2.90
C GLY A 46 15.66 0.04 1.57
N SER A 47 15.19 0.64 0.48
CA SER A 47 15.41 0.09 -0.84
C SER A 47 16.84 0.38 -1.32
N ASP A 48 17.20 -0.17 -2.47
CA ASP A 48 18.54 0.03 -3.02
C ASP A 48 18.62 -0.50 -4.44
N LYS A 49 18.65 0.42 -5.41
CA LYS A 49 18.72 0.03 -6.82
C LYS A 49 17.54 -0.87 -7.19
N GLN A 50 17.04 -0.70 -8.40
CA GLN A 50 15.91 -1.50 -8.87
C GLN A 50 15.96 -1.66 -10.39
N ILE A 51 16.40 -0.60 -11.08
CA ILE A 51 16.48 -0.63 -12.53
C ILE A 51 15.13 -1.01 -13.13
N LYS A 52 14.51 -0.06 -13.81
CA LYS A 52 13.21 -0.30 -14.43
C LYS A 52 13.37 -1.27 -15.59
N ASN A 53 12.46 -1.16 -16.57
CA ASN A 53 12.50 -2.04 -17.74
C ASN A 53 12.83 -3.47 -17.32
N GLY A 54 11.80 -4.27 -17.08
CA GLY A 54 11.99 -5.65 -16.68
C GLY A 54 10.68 -6.27 -16.21
N GLU A 55 10.43 -7.51 -16.63
CA GLU A 55 9.21 -8.21 -16.26
C GLU A 55 7.98 -7.35 -16.59
N CYS A 56 6.81 -7.82 -16.18
CA CYS A 56 5.57 -7.10 -16.44
C CYS A 56 4.55 -7.38 -15.34
N ASP A 57 3.28 -7.15 -15.65
CA ASP A 57 2.21 -7.37 -14.68
C ASP A 57 0.85 -7.22 -15.34
N LYS A 58 0.44 -8.24 -16.09
CA LYS A 58 -0.85 -8.21 -16.79
C LYS A 58 -1.76 -9.30 -16.23
N ALA A 59 -2.98 -8.92 -15.86
CA ALA A 59 -3.95 -9.86 -15.32
C ALA A 59 -3.53 -10.31 -13.91
N TYR A 60 -2.23 -10.30 -13.66
CA TYR A 60 -1.71 -10.72 -12.36
C TYR A 60 -2.51 -10.09 -11.24
N LEU A 61 -2.86 -8.82 -11.40
CA LEU A 61 -3.63 -8.10 -10.40
C LEU A 61 -4.79 -8.96 -9.90
N ASP A 62 -5.12 -10.01 -10.64
CA ASP A 62 -6.21 -10.89 -10.27
C ASP A 62 -6.00 -11.47 -8.87
N GLU A 63 -4.85 -12.10 -8.70
CA GLU A 63 -4.50 -12.71 -7.42
C GLU A 63 -4.32 -11.64 -6.34
N LEU A 64 -3.80 -10.49 -6.75
CA LEU A 64 -3.56 -9.40 -5.80
C LEU A 64 -4.88 -8.86 -5.26
N VAL A 65 -5.85 -8.65 -6.13
CA VAL A 65 -7.14 -8.13 -5.72
C VAL A 65 -7.76 -9.08 -4.67
N GLU A 66 -7.77 -10.36 -4.98
CA GLU A 66 -8.32 -11.33 -4.05
C GLU A 66 -7.60 -11.26 -2.71
N LEU A 67 -6.28 -11.20 -2.75
CA LEU A 67 -5.49 -11.15 -1.53
C LEU A 67 -6.02 -10.07 -0.58
N HIS A 68 -6.25 -8.89 -1.14
CA HIS A 68 -6.77 -7.77 -0.35
C HIS A 68 -7.98 -8.21 0.47
N ARG A 69 -8.85 -9.00 -0.16
CA ARG A 69 -10.05 -9.45 0.54
C ARG A 69 -9.68 -10.33 1.73
N ARG A 70 -9.11 -11.50 1.45
CA ARG A 70 -8.72 -12.43 2.51
C ARG A 70 -8.10 -11.70 3.69
N LEU A 71 -7.47 -10.56 3.42
CA LEU A 71 -6.83 -9.77 4.46
C LEU A 71 -7.88 -9.02 5.28
N MET A 72 -8.90 -8.51 4.60
CA MET A 72 -9.95 -7.77 5.28
C MET A 72 -10.71 -8.67 6.26
N THR A 73 -11.11 -9.85 5.78
CA THR A 73 -11.86 -10.79 6.61
C THR A 73 -10.93 -11.60 7.49
N LEU A 74 -10.03 -10.92 8.17
CA LEU A 74 -9.10 -11.58 9.06
C LEU A 74 -9.82 -12.54 10.00
N ARG A 75 -9.07 -13.25 10.83
CA ARG A 75 -9.66 -14.20 11.77
C ARG A 75 -8.65 -14.62 12.82
N GLU A 76 -7.66 -13.77 13.07
CA GLU A 76 -6.63 -14.06 14.05
C GLU A 76 -5.75 -12.84 14.28
N ARG A 77 -5.29 -12.68 15.51
CA ARG A 77 -4.43 -11.54 15.86
C ARG A 77 -2.97 -11.97 15.92
N HIS A 78 -2.14 -11.12 16.50
CA HIS A 78 -0.71 -11.42 16.61
C HIS A 78 -0.04 -11.34 15.24
N ILE A 79 -0.83 -11.48 14.18
CA ILE A 79 -0.32 -11.42 12.82
C ILE A 79 -0.30 -9.98 12.33
N LEU A 80 -1.35 -9.25 12.64
CA LEU A 80 -1.46 -7.86 12.23
C LEU A 80 -0.16 -7.11 12.54
N GLN A 81 0.45 -7.43 13.66
CA GLN A 81 1.70 -6.79 14.06
C GLN A 81 2.85 -7.30 13.20
N GLN A 82 2.72 -8.53 12.71
CA GLN A 82 3.75 -9.13 11.88
C GLN A 82 3.67 -8.59 10.46
N ILE A 83 2.59 -7.87 10.15
CA ILE A 83 2.39 -7.30 8.83
C ILE A 83 2.76 -5.82 8.83
N VAL A 84 2.26 -5.08 9.81
CA VAL A 84 2.56 -3.65 9.91
C VAL A 84 4.06 -3.40 9.93
N ASN A 85 4.77 -4.17 10.76
CA ASN A 85 6.22 -4.02 10.87
C ASN A 85 6.90 -4.34 9.56
N LEU A 86 6.56 -5.49 8.99
CA LEU A 86 7.15 -5.91 7.73
C LEU A 86 7.11 -4.78 6.71
N ILE A 87 6.03 -3.99 6.73
CA ILE A 87 5.90 -2.89 5.78
C ILE A 87 6.70 -1.68 6.24
N GLU A 88 6.87 -1.57 7.55
CA GLU A 88 7.64 -0.45 8.10
C GLU A 88 9.04 -0.45 7.52
N GLU A 89 9.54 -1.64 7.18
CA GLU A 89 10.89 -1.76 6.63
C GLU A 89 10.94 -1.23 5.19
N THR A 90 9.88 -1.49 4.44
CA THR A 90 9.80 -1.06 3.05
C THR A 90 10.06 0.44 2.94
N GLY A 91 8.98 1.22 2.84
CA GLY A 91 9.10 2.67 2.74
C GLY A 91 7.85 3.27 2.08
N HIS A 92 7.38 2.63 1.02
CA HIS A 92 6.20 3.13 0.31
C HIS A 92 4.91 2.75 1.04
N PHE A 93 4.75 3.26 2.26
CA PHE A 93 3.55 3.00 3.06
C PHE A 93 3.18 4.25 3.85
N HIS A 94 1.89 4.61 3.81
CA HIS A 94 1.41 5.79 4.52
C HIS A 94 0.83 5.41 5.87
N ILE A 95 1.21 6.17 6.91
CA ILE A 95 0.75 5.90 8.27
C ILE A 95 -0.22 6.99 8.72
N THR A 96 -1.20 6.60 9.54
CA THR A 96 -2.15 7.55 10.07
C THR A 96 -2.69 7.03 11.41
N ASN A 97 -2.90 7.95 12.33
CA ASN A 97 -3.41 7.59 13.65
C ASN A 97 -4.85 7.11 13.57
N THR A 98 -5.39 7.01 12.34
CA THR A 98 -6.77 6.58 12.15
C THR A 98 -6.83 5.48 11.08
N THR A 99 -5.76 5.35 10.31
CA THR A 99 -5.69 4.34 9.25
C THR A 99 -4.26 4.19 8.73
N PHE A 100 -4.00 3.09 8.05
CA PHE A 100 -2.68 2.82 7.50
C PHE A 100 -2.81 1.81 6.37
N ASP A 101 -2.26 2.16 5.20
CA ASP A 101 -2.29 1.27 4.04
C ASP A 101 -0.96 1.26 3.31
N PHE A 102 -0.95 0.67 2.13
CA PHE A 102 0.25 0.62 1.31
C PHE A 102 -0.07 0.10 -0.09
N ASP A 103 0.90 0.21 -0.99
CA ASP A 103 0.71 -0.25 -2.37
C ASP A 103 1.58 -1.47 -2.65
N LEU A 104 0.95 -2.64 -2.75
CA LEU A 104 1.69 -3.87 -3.00
C LEU A 104 2.15 -3.91 -4.47
N CYS A 105 1.70 -2.95 -5.25
CA CYS A 105 2.08 -2.89 -6.67
C CYS A 105 3.42 -2.19 -6.83
N SER A 106 4.10 -1.92 -5.71
CA SER A 106 5.41 -1.24 -5.74
C SER A 106 6.44 -2.04 -4.95
N LEU A 107 5.99 -2.86 -4.01
CA LEU A 107 6.89 -3.67 -3.20
C LEU A 107 7.26 -4.95 -3.92
N ASP A 108 8.21 -5.70 -3.37
CA ASP A 108 8.64 -6.95 -3.97
C ASP A 108 7.57 -8.02 -3.82
N LYS A 109 7.57 -8.98 -4.74
CA LYS A 109 6.58 -10.05 -4.70
C LYS A 109 6.82 -10.96 -3.51
N THR A 110 7.97 -10.80 -2.86
CA THR A 110 8.32 -11.61 -1.69
C THR A 110 7.37 -11.30 -0.54
N THR A 111 7.26 -10.03 -0.20
CA THR A 111 6.39 -9.62 0.90
C THR A 111 4.98 -10.17 0.68
N VAL A 112 4.54 -10.17 -0.57
CA VAL A 112 3.21 -10.66 -0.89
C VAL A 112 3.12 -12.17 -0.71
N ARG A 113 4.18 -12.87 -1.11
CA ARG A 113 4.22 -14.32 -0.99
C ARG A 113 4.13 -14.72 0.49
N LYS A 114 4.79 -13.96 1.35
CA LYS A 114 4.76 -14.25 2.76
C LYS A 114 3.34 -14.14 3.31
N LEU A 115 2.74 -12.96 3.15
CA LEU A 115 1.39 -12.75 3.62
C LEU A 115 0.48 -13.90 3.23
N GLN A 116 0.41 -14.17 1.93
CA GLN A 116 -0.43 -15.24 1.43
C GLN A 116 -0.19 -16.52 2.24
N SER A 117 1.08 -16.82 2.49
CA SER A 117 1.43 -18.02 3.24
C SER A 117 0.68 -18.07 4.57
N TYR A 118 1.06 -17.21 5.50
CA TYR A 118 0.43 -17.19 6.82
C TYR A 118 -1.09 -17.11 6.68
N LEU A 119 -1.56 -16.37 5.68
CA LEU A 119 -2.99 -16.22 5.47
C LEU A 119 -3.63 -17.57 5.17
N GLU A 120 -2.81 -18.54 4.77
CA GLU A 120 -3.32 -19.88 4.46
C GLU A 120 -2.34 -20.94 4.95
N THR A 121 -2.39 -21.23 6.26
CA THR A 121 -1.52 -22.24 6.85
C THR A 121 -2.31 -23.14 7.80
N SER A 122 -3.09 -24.05 7.23
CA SER A 122 -3.89 -24.97 8.03
C SER A 122 -2.99 -25.96 8.75
N GLY A 123 -3.27 -26.19 10.02
CA GLY A 123 -2.48 -27.11 10.82
C GLY A 123 -1.03 -26.64 10.93
N THR A 124 -0.13 -27.56 11.26
CA THR A 124 1.28 -27.22 11.39
C THR A 124 1.92 -27.08 10.02
N SER A 125 1.35 -27.76 9.03
CA SER A 125 1.87 -27.70 7.68
C SER A 125 3.38 -27.97 7.68
N THR A 1 -11.15 16.96 -42.86
CA THR A 1 -10.23 16.28 -43.81
C THR A 1 -9.18 15.49 -43.02
N ARG A 2 -7.92 15.62 -43.43
CA ARG A 2 -6.84 14.91 -42.76
C ARG A 2 -7.24 13.48 -42.44
N LEU A 3 -7.50 12.70 -43.49
CA LEU A 3 -7.92 11.32 -43.32
C LEU A 3 -6.80 10.47 -42.69
N PRO A 4 -7.13 9.50 -41.86
CA PRO A 4 -6.11 8.62 -41.21
C PRO A 4 -4.97 8.28 -42.17
N LEU A 5 -3.82 7.95 -41.59
CA LEU A 5 -2.64 7.60 -42.38
C LEU A 5 -1.41 7.47 -41.46
N PRO A 6 -1.13 8.47 -40.66
CA PRO A 6 0.04 8.43 -39.75
C PRO A 6 -0.18 7.53 -38.54
N LEU A 7 0.77 6.62 -38.32
CA LEU A 7 0.67 5.70 -37.20
C LEU A 7 0.97 6.43 -35.89
N ARG A 8 0.37 7.60 -35.72
CA ARG A 8 0.58 8.39 -34.52
C ARG A 8 2.00 8.95 -34.49
N ASP A 9 2.49 9.36 -35.65
CA ASP A 9 3.84 9.91 -35.74
C ASP A 9 3.87 11.32 -35.16
N THR A 10 4.71 11.52 -34.14
CA THR A 10 4.84 12.82 -33.50
C THR A 10 6.24 13.00 -32.94
N LYS A 11 7.02 13.88 -33.56
CA LYS A 11 8.38 14.14 -33.12
C LYS A 11 9.17 12.85 -33.04
N LEU A 12 10.46 12.97 -32.76
CA LEU A 12 11.32 11.80 -32.66
C LEU A 12 10.70 10.77 -31.74
N LEU A 13 10.78 11.01 -30.43
CA LEU A 13 10.22 10.08 -29.46
C LEU A 13 8.79 10.49 -29.11
N SER A 14 7.95 9.48 -28.88
CA SER A 14 6.55 9.74 -28.54
C SER A 14 6.09 8.80 -27.41
N PRO A 15 5.17 9.24 -26.57
CA PRO A 15 4.64 8.43 -25.45
C PRO A 15 4.44 6.96 -25.85
N LEU A 16 4.20 6.11 -24.85
CA LEU A 16 3.98 4.69 -25.11
C LEU A 16 2.54 4.44 -25.52
N ARG A 17 2.22 3.18 -25.81
CA ARG A 17 0.86 2.82 -26.22
C ARG A 17 0.03 2.38 -25.01
N ASP A 18 0.52 1.36 -24.30
CA ASP A 18 -0.18 0.86 -23.12
C ASP A 18 -0.42 2.00 -22.13
N THR A 19 -1.50 1.88 -21.37
CA THR A 19 -1.84 2.91 -20.37
C THR A 19 -2.66 2.28 -19.24
N PRO A 20 -2.01 1.55 -18.37
CA PRO A 20 -2.67 0.87 -17.22
C PRO A 20 -3.58 1.83 -16.42
N PRO A 21 -4.56 1.31 -15.72
CA PRO A 21 -5.49 2.16 -14.92
C PRO A 21 -4.79 2.80 -13.69
N PRO A 22 -4.76 4.12 -13.57
CA PRO A 22 -4.11 4.80 -12.41
C PRO A 22 -4.43 4.12 -11.06
N GLN A 23 -5.71 3.78 -10.87
CA GLN A 23 -6.16 3.14 -9.63
C GLN A 23 -6.25 1.63 -9.83
N SER A 24 -6.43 0.91 -8.73
CA SER A 24 -6.53 -0.54 -8.79
C SER A 24 -7.12 -1.09 -7.49
N LEU A 25 -6.25 -1.38 -6.53
CA LEU A 25 -6.70 -1.90 -5.25
C LEU A 25 -5.66 -1.59 -4.17
N MET A 26 -6.07 -0.84 -3.15
CA MET A 26 -5.18 -0.49 -2.04
C MET A 26 -5.64 -1.18 -0.76
N VAL A 27 -4.68 -1.47 0.12
CA VAL A 27 -4.99 -2.13 1.39
C VAL A 27 -4.94 -1.13 2.52
N LYS A 28 -6.05 -1.04 3.27
CA LYS A 28 -6.12 -0.12 4.40
C LYS A 28 -6.57 -0.87 5.65
N ILE A 29 -5.76 -0.79 6.69
CA ILE A 29 -6.06 -1.47 7.94
C ILE A 29 -6.48 -0.46 9.01
N THR A 30 -7.72 -0.61 9.50
CA THR A 30 -8.25 0.30 10.50
C THR A 30 -7.17 0.65 11.53
N LEU A 31 -7.39 1.72 12.28
CA LEU A 31 -6.43 2.16 13.29
C LEU A 31 -6.81 1.61 14.68
N ASP A 32 -8.10 1.40 14.89
CA ASP A 32 -8.58 0.90 16.18
C ASP A 32 -8.43 -0.61 16.30
N LEU A 33 -8.57 -1.32 15.18
CA LEU A 33 -8.45 -2.77 15.20
C LEU A 33 -6.99 -3.21 15.27
N LEU A 34 -6.06 -2.29 15.01
CA LEU A 34 -4.67 -2.64 15.05
C LEU A 34 -4.15 -2.67 16.48
N SER A 35 -4.54 -1.65 17.25
CA SER A 35 -4.11 -1.54 18.65
C SER A 35 -2.76 -0.82 18.73
N ARG A 36 -1.86 -1.19 17.81
CA ARG A 36 -0.52 -0.59 17.75
C ARG A 36 -0.32 0.18 16.45
N ILE A 37 0.58 1.18 16.48
CA ILE A 37 0.86 1.98 15.29
C ILE A 37 2.38 2.06 15.02
N PRO A 38 2.89 1.40 14.00
CA PRO A 38 4.35 1.43 13.67
C PRO A 38 4.90 2.86 13.65
N GLN A 39 6.03 3.07 14.31
CA GLN A 39 6.62 4.40 14.36
C GLN A 39 6.75 4.97 12.95
N PRO A 40 6.67 6.27 12.79
CA PRO A 40 6.78 6.91 11.45
C PRO A 40 8.20 6.81 10.85
N PRO A 41 8.32 6.76 9.54
CA PRO A 41 9.65 6.67 8.86
C PRO A 41 10.70 7.58 9.53
N GLY A 42 11.97 7.34 9.22
CA GLY A 42 13.07 8.15 9.77
C GLY A 42 13.67 9.02 8.67
N LYS A 43 14.64 8.47 7.97
CA LYS A 43 15.29 9.20 6.88
C LYS A 43 16.23 8.28 6.10
N PRO A 44 15.74 7.14 5.66
CA PRO A 44 16.54 6.15 4.89
C PRO A 44 16.88 6.67 3.49
N MET A 45 17.37 5.77 2.64
CA MET A 45 17.72 6.13 1.27
C MET A 45 16.48 6.13 0.38
N GLY A 46 16.35 7.17 -0.44
CA GLY A 46 15.21 7.27 -1.33
C GLY A 46 15.41 6.40 -2.57
N SER A 47 15.69 7.05 -3.69
CA SER A 47 15.91 6.32 -4.94
C SER A 47 14.76 5.34 -5.20
N ASP A 48 14.95 4.47 -6.18
CA ASP A 48 13.92 3.49 -6.52
C ASP A 48 14.52 2.32 -7.29
N LYS A 49 15.24 2.63 -8.36
CA LYS A 49 15.87 1.60 -9.17
C LYS A 49 14.84 0.57 -9.61
N GLN A 50 14.43 0.65 -10.88
CA GLN A 50 13.45 -0.29 -11.42
C GLN A 50 13.29 -0.09 -12.93
N ILE A 51 13.04 -1.19 -13.63
CA ILE A 51 12.87 -1.14 -15.08
C ILE A 51 11.86 -2.18 -15.53
N LYS A 52 11.46 -2.10 -16.80
CA LYS A 52 10.48 -3.05 -17.35
C LYS A 52 11.15 -3.99 -18.35
N ASN A 53 11.64 -5.11 -17.84
CA ASN A 53 12.31 -6.10 -18.68
C ASN A 53 11.29 -6.89 -19.48
N GLY A 54 10.27 -7.41 -18.80
CA GLY A 54 9.23 -8.18 -19.46
C GLY A 54 8.04 -8.42 -18.52
N GLU A 55 8.31 -8.36 -17.23
CA GLU A 55 7.26 -8.57 -16.24
C GLU A 55 6.26 -7.41 -16.25
N CYS A 56 5.13 -7.61 -15.60
CA CYS A 56 4.10 -6.58 -15.54
C CYS A 56 3.04 -6.92 -14.50
N ASP A 57 1.86 -7.31 -14.96
CA ASP A 57 0.77 -7.68 -14.06
C ASP A 57 -0.33 -8.41 -14.82
N LYS A 58 0.07 -9.47 -15.51
CA LYS A 58 -0.89 -10.26 -16.27
C LYS A 58 -1.69 -11.18 -15.35
N ALA A 59 -2.89 -10.74 -14.99
CA ALA A 59 -3.74 -11.53 -14.11
C ALA A 59 -3.21 -11.50 -12.68
N TYR A 60 -1.89 -11.52 -12.55
CA TYR A 60 -1.26 -11.51 -11.23
C TYR A 60 -1.97 -10.53 -10.29
N LEU A 61 -2.70 -9.58 -10.87
CA LEU A 61 -3.43 -8.59 -10.11
C LEU A 61 -4.59 -9.25 -9.35
N ASP A 62 -5.17 -10.28 -9.96
CA ASP A 62 -6.28 -10.99 -9.34
C ASP A 62 -5.92 -11.39 -7.91
N GLU A 63 -4.70 -11.89 -7.74
CA GLU A 63 -4.23 -12.32 -6.43
C GLU A 63 -4.20 -11.15 -5.46
N LEU A 64 -3.58 -10.06 -5.89
CA LEU A 64 -3.48 -8.87 -5.06
C LEU A 64 -4.86 -8.41 -4.59
N VAL A 65 -5.82 -8.43 -5.49
CA VAL A 65 -7.18 -8.02 -5.17
C VAL A 65 -7.76 -8.91 -4.06
N GLU A 66 -7.67 -10.22 -4.25
CA GLU A 66 -8.18 -11.15 -3.25
C GLU A 66 -7.49 -10.92 -1.91
N LEU A 67 -6.17 -10.80 -1.95
CA LEU A 67 -5.41 -10.60 -0.72
C LEU A 67 -6.06 -9.49 0.10
N HIS A 68 -6.09 -8.28 -0.46
CA HIS A 68 -6.69 -7.13 0.22
C HIS A 68 -7.87 -7.57 1.10
N ARG A 69 -8.65 -8.50 0.57
CA ARG A 69 -9.79 -9.01 1.33
C ARG A 69 -9.33 -9.78 2.56
N ARG A 70 -8.79 -10.97 2.33
CA ARG A 70 -8.31 -11.81 3.44
C ARG A 70 -7.60 -10.98 4.49
N LEU A 71 -7.13 -9.81 4.10
CA LEU A 71 -6.40 -8.93 5.02
C LEU A 71 -7.37 -8.09 5.84
N MET A 72 -8.47 -7.69 5.21
CA MET A 72 -9.46 -6.88 5.89
C MET A 72 -10.10 -7.66 7.05
N THR A 73 -9.37 -7.75 8.16
CA THR A 73 -9.86 -8.46 9.33
C THR A 73 -10.35 -9.85 8.95
N LEU A 74 -9.43 -10.79 8.86
CA LEU A 74 -9.78 -12.15 8.51
C LEU A 74 -10.68 -12.77 9.58
N ARG A 75 -10.07 -13.14 10.70
CA ARG A 75 -10.81 -13.74 11.79
C ARG A 75 -9.93 -13.88 13.03
N GLU A 76 -8.81 -14.58 12.87
CA GLU A 76 -7.88 -14.79 13.98
C GLU A 76 -6.94 -13.59 14.12
N ARG A 77 -6.58 -13.27 15.36
CA ARG A 77 -5.68 -12.16 15.65
C ARG A 77 -4.27 -12.50 15.21
N HIS A 78 -3.28 -11.91 15.88
CA HIS A 78 -1.90 -12.14 15.54
C HIS A 78 -1.73 -12.00 14.03
N ILE A 79 -0.54 -12.32 13.54
CA ILE A 79 -0.27 -12.24 12.11
C ILE A 79 -0.35 -10.78 11.64
N LEU A 80 -1.34 -10.04 12.14
CA LEU A 80 -1.50 -8.65 11.76
C LEU A 80 -0.20 -7.88 11.94
N GLN A 81 0.46 -8.09 13.08
CA GLN A 81 1.71 -7.41 13.35
C GLN A 81 2.84 -7.97 12.48
N GLN A 82 2.81 -9.27 12.25
CA GLN A 82 3.84 -9.91 11.43
C GLN A 82 3.70 -9.50 9.96
N ILE A 83 2.56 -8.89 9.62
CA ILE A 83 2.31 -8.44 8.26
C ILE A 83 2.50 -6.93 8.15
N VAL A 84 2.58 -6.25 9.29
CA VAL A 84 2.77 -4.79 9.29
C VAL A 84 4.26 -4.44 9.32
N ASN A 85 4.98 -5.05 10.25
CA ASN A 85 6.41 -4.78 10.38
C ASN A 85 7.16 -5.26 9.15
N LEU A 86 6.73 -6.40 8.61
CA LEU A 86 7.37 -6.96 7.43
C LEU A 86 7.49 -5.93 6.33
N ILE A 87 6.36 -5.35 5.95
CA ILE A 87 6.35 -4.35 4.89
C ILE A 87 7.00 -3.06 5.39
N GLU A 88 6.72 -2.68 6.62
CA GLU A 88 7.29 -1.47 7.21
C GLU A 88 8.76 -1.28 6.79
N GLU A 89 9.56 -2.33 6.95
CA GLU A 89 10.97 -2.24 6.61
C GLU A 89 11.15 -1.70 5.19
N THR A 90 10.08 -1.71 4.41
CA THR A 90 10.16 -1.22 3.03
C THR A 90 10.44 0.28 3.02
N GLY A 91 10.01 0.97 4.08
CA GLY A 91 10.22 2.41 4.19
C GLY A 91 9.18 3.16 3.38
N HIS A 92 8.04 2.51 3.09
CA HIS A 92 6.97 3.15 2.32
C HIS A 92 5.61 2.88 2.96
N PHE A 93 5.33 3.56 4.07
CA PHE A 93 4.07 3.41 4.78
C PHE A 93 3.56 4.76 5.26
N HIS A 94 2.30 5.07 4.91
CA HIS A 94 1.70 6.34 5.33
C HIS A 94 0.90 6.11 6.59
N ILE A 95 1.21 6.88 7.64
CA ILE A 95 0.53 6.73 8.93
C ILE A 95 -0.40 7.92 9.19
N THR A 96 -1.49 7.66 9.91
CA THR A 96 -2.42 8.72 10.25
C THR A 96 -3.06 8.39 11.60
N ASN A 97 -3.27 9.39 12.41
CA ASN A 97 -3.85 9.18 13.71
C ASN A 97 -5.30 8.75 13.60
N THR A 98 -5.81 8.60 12.37
CA THR A 98 -7.20 8.19 12.15
C THR A 98 -7.24 6.97 11.23
N THR A 99 -6.10 6.69 10.58
CA THR A 99 -6.00 5.55 9.68
C THR A 99 -4.58 5.39 9.14
N PHE A 100 -4.33 4.27 8.48
CA PHE A 100 -3.01 4.00 7.93
C PHE A 100 -3.11 2.91 6.87
N ASP A 101 -2.52 3.16 5.70
CA ASP A 101 -2.57 2.17 4.61
C ASP A 101 -1.21 2.06 3.92
N PHE A 102 -1.20 1.31 2.82
CA PHE A 102 0.02 1.13 2.06
C PHE A 102 -0.30 0.50 0.70
N ASP A 103 0.67 0.58 -0.23
CA ASP A 103 0.48 0.03 -1.57
C ASP A 103 1.45 -1.10 -1.87
N LEU A 104 0.90 -2.30 -2.12
CA LEU A 104 1.71 -3.47 -2.43
C LEU A 104 2.01 -3.54 -3.92
N CYS A 105 1.42 -2.62 -4.69
CA CYS A 105 1.64 -2.60 -6.13
C CYS A 105 2.99 -1.96 -6.46
N SER A 106 3.79 -1.68 -5.44
CA SER A 106 5.12 -1.07 -5.64
C SER A 106 6.22 -2.03 -5.21
N LEU A 107 5.85 -3.05 -4.43
CA LEU A 107 6.81 -4.04 -3.96
C LEU A 107 6.92 -5.20 -4.95
N ASP A 108 7.94 -6.03 -4.77
CA ASP A 108 8.16 -7.17 -5.66
C ASP A 108 7.13 -8.26 -5.37
N LYS A 109 7.14 -9.30 -6.19
CA LYS A 109 6.20 -10.40 -6.01
C LYS A 109 6.68 -11.33 -4.89
N THR A 110 7.94 -11.18 -4.51
CA THR A 110 8.50 -12.01 -3.45
C THR A 110 7.77 -11.75 -2.14
N THR A 111 7.58 -10.48 -1.81
CA THR A 111 6.90 -10.12 -0.57
C THR A 111 5.51 -10.76 -0.52
N VAL A 112 4.80 -10.67 -1.65
CA VAL A 112 3.45 -11.23 -1.74
C VAL A 112 3.47 -12.74 -1.44
N ARG A 113 4.49 -13.42 -1.95
CA ARG A 113 4.62 -14.86 -1.74
C ARG A 113 4.73 -15.18 -0.27
N LYS A 114 5.50 -14.39 0.46
CA LYS A 114 5.68 -14.60 1.89
C LYS A 114 4.36 -14.42 2.62
N LEU A 115 3.63 -13.37 2.27
CA LEU A 115 2.36 -13.10 2.90
C LEU A 115 1.44 -14.32 2.82
N GLN A 116 1.06 -14.67 1.59
CA GLN A 116 0.19 -15.81 1.36
C GLN A 116 0.63 -17.00 2.22
N SER A 117 1.94 -17.20 2.31
CA SER A 117 2.49 -18.30 3.10
C SER A 117 1.94 -18.28 4.52
N TYR A 118 2.23 -17.20 5.26
CA TYR A 118 1.78 -17.08 6.63
C TYR A 118 0.26 -17.11 6.71
N LEU A 119 -0.39 -16.48 5.74
CA LEU A 119 -1.85 -16.44 5.72
C LEU A 119 -2.42 -17.86 5.68
N GLU A 120 -2.11 -18.58 4.61
CA GLU A 120 -2.59 -19.95 4.46
C GLU A 120 -1.58 -20.93 5.02
N THR A 121 -0.74 -21.47 4.14
CA THR A 121 0.28 -22.43 4.55
C THR A 121 1.16 -22.82 3.37
N SER A 122 0.57 -23.56 2.43
CA SER A 122 1.30 -24.01 1.26
C SER A 122 0.36 -24.64 0.23
N GLY A 123 -0.33 -25.70 0.64
CA GLY A 123 -1.27 -26.39 -0.24
C GLY A 123 -1.45 -27.84 0.17
N THR A 124 -2.68 -28.34 0.06
CA THR A 124 -2.97 -29.72 0.43
C THR A 124 -2.55 -29.99 1.87
N SER A 125 -1.27 -30.30 2.05
CA SER A 125 -0.73 -30.59 3.39
C SER A 125 0.74 -30.22 3.47
N THR A 1 12.14 39.10 -13.13
CA THR A 1 12.97 37.97 -12.64
C THR A 1 14.38 38.12 -13.18
N ARG A 2 14.90 39.35 -13.12
CA ARG A 2 16.24 39.61 -13.60
C ARG A 2 17.24 38.64 -12.97
N LEU A 3 17.70 38.99 -11.77
CA LEU A 3 18.67 38.15 -11.07
C LEU A 3 18.25 36.68 -11.13
N PRO A 4 18.96 35.87 -11.89
CA PRO A 4 18.64 34.41 -12.01
C PRO A 4 18.34 33.77 -10.67
N LEU A 5 17.69 32.62 -10.71
CA LEU A 5 17.34 31.90 -9.49
C LEU A 5 16.49 32.77 -8.58
N PRO A 6 15.30 33.10 -9.00
CA PRO A 6 14.37 33.95 -8.22
C PRO A 6 13.73 33.18 -7.06
N LEU A 7 13.40 33.90 -5.99
CA LEU A 7 12.78 33.29 -4.82
C LEU A 7 11.48 32.60 -5.21
N ARG A 8 10.45 33.39 -5.47
CA ARG A 8 9.15 32.85 -5.86
C ARG A 8 9.30 31.91 -7.05
N ASP A 9 9.55 30.64 -6.77
CA ASP A 9 9.70 29.65 -7.83
C ASP A 9 8.35 29.27 -8.42
N THR A 10 7.73 28.24 -7.85
CA THR A 10 6.42 27.79 -8.33
C THR A 10 5.79 26.85 -7.31
N LYS A 11 4.66 27.28 -6.74
CA LYS A 11 3.95 26.47 -5.75
C LYS A 11 2.44 26.66 -5.88
N LEU A 12 1.95 27.79 -5.38
CA LEU A 12 0.52 28.08 -5.44
C LEU A 12 -0.28 26.90 -4.93
N LEU A 13 0.41 25.95 -4.30
CA LEU A 13 -0.26 24.79 -3.76
C LEU A 13 -0.91 25.11 -2.41
N SER A 14 -2.06 24.51 -2.16
CA SER A 14 -2.79 24.73 -0.93
C SER A 14 -3.94 23.73 -0.79
N PRO A 15 -4.89 23.78 -1.69
CA PRO A 15 -6.07 22.86 -1.67
C PRO A 15 -5.65 21.40 -1.72
N LEU A 16 -5.31 20.93 -2.91
CA LEU A 16 -4.90 19.55 -3.10
C LEU A 16 -5.98 18.60 -2.59
N ARG A 17 -6.54 17.81 -3.50
CA ARG A 17 -7.58 16.86 -3.13
C ARG A 17 -7.59 15.67 -4.09
N ASP A 18 -6.48 15.49 -4.80
CA ASP A 18 -6.38 14.38 -5.74
C ASP A 18 -7.53 14.40 -6.73
N THR A 19 -7.26 14.88 -7.94
CA THR A 19 -8.27 14.93 -8.98
C THR A 19 -8.37 13.58 -9.70
N PRO A 20 -7.25 13.00 -10.05
CA PRO A 20 -7.21 11.71 -10.79
C PRO A 20 -8.11 10.65 -10.14
N PRO A 21 -9.22 10.31 -10.75
CA PRO A 21 -10.15 9.29 -10.20
C PRO A 21 -9.42 8.02 -9.75
N PRO A 22 -10.02 7.27 -8.85
CA PRO A 22 -9.43 6.00 -8.32
C PRO A 22 -9.33 4.93 -9.42
N GLN A 23 -8.27 4.14 -9.35
CA GLN A 23 -8.06 3.08 -10.34
C GLN A 23 -7.08 2.03 -9.80
N SER A 24 -7.22 1.71 -8.52
CA SER A 24 -6.34 0.72 -7.89
C SER A 24 -6.93 0.25 -6.58
N LEU A 25 -6.17 -0.55 -5.83
CA LEU A 25 -6.62 -1.06 -4.54
C LEU A 25 -5.54 -0.88 -3.50
N MET A 26 -5.92 -0.33 -2.35
CA MET A 26 -4.97 -0.09 -1.26
C MET A 26 -5.47 -0.75 0.02
N VAL A 27 -4.69 -1.70 0.53
CA VAL A 27 -5.07 -2.40 1.75
C VAL A 27 -5.02 -1.46 2.94
N LYS A 28 -6.13 -1.34 3.65
CA LYS A 28 -6.20 -0.45 4.82
C LYS A 28 -6.75 -1.23 6.02
N ILE A 29 -5.97 -1.26 7.09
CA ILE A 29 -6.38 -1.98 8.29
C ILE A 29 -6.80 -1.01 9.39
N THR A 30 -8.06 -1.11 9.81
CA THR A 30 -8.58 -0.24 10.87
C THR A 30 -7.52 0.01 11.93
N LEU A 31 -7.07 1.25 12.02
CA LEU A 31 -6.03 1.60 12.98
C LEU A 31 -6.42 1.15 14.38
N ASP A 32 -7.67 1.33 14.72
CA ASP A 32 -8.16 0.96 16.04
C ASP A 32 -7.81 -0.47 16.38
N LEU A 33 -8.20 -1.39 15.50
CA LEU A 33 -7.94 -2.82 15.70
C LEU A 33 -6.67 -3.24 14.97
N LEU A 34 -5.63 -2.42 15.03
CA LEU A 34 -4.37 -2.71 14.40
C LEU A 34 -3.28 -2.80 15.43
N SER A 35 -2.39 -3.81 15.28
CA SER A 35 -1.27 -4.04 16.20
C SER A 35 -1.08 -2.87 17.15
N ARG A 36 -0.20 -1.94 16.78
CA ARG A 36 0.05 -0.76 17.58
C ARG A 36 0.36 0.42 16.67
N ILE A 37 0.53 1.59 17.28
CA ILE A 37 0.83 2.81 16.51
C ILE A 37 2.29 3.25 16.73
N PRO A 38 3.14 3.01 15.77
CA PRO A 38 4.58 3.40 15.85
C PRO A 38 4.76 4.84 16.31
N GLN A 39 6.00 5.29 16.39
CA GLN A 39 6.29 6.66 16.80
C GLN A 39 6.15 7.62 15.63
N PRO A 40 5.85 8.87 15.91
CA PRO A 40 5.69 9.91 14.86
C PRO A 40 7.00 10.18 14.09
N PRO A 41 6.95 10.25 12.78
CA PRO A 41 8.16 10.51 11.95
C PRO A 41 8.59 11.98 12.00
N GLY A 42 8.10 12.76 11.06
CA GLY A 42 8.43 14.18 10.99
C GLY A 42 8.10 14.76 9.62
N LYS A 43 9.13 15.11 8.87
CA LYS A 43 8.94 15.69 7.53
C LYS A 43 10.28 15.85 6.83
N PRO A 44 11.03 14.79 6.69
CA PRO A 44 12.36 14.82 6.03
C PRO A 44 12.24 15.07 4.53
N MET A 45 11.04 15.45 4.09
CA MET A 45 10.82 15.72 2.66
C MET A 45 11.36 14.57 1.82
N GLY A 46 10.46 13.65 1.43
CA GLY A 46 10.85 12.51 0.62
C GLY A 46 10.49 12.74 -0.85
N SER A 47 11.17 13.69 -1.48
CA SER A 47 10.92 14.00 -2.88
C SER A 47 11.54 12.94 -3.78
N ASP A 48 10.70 12.22 -4.50
CA ASP A 48 11.18 11.17 -5.41
C ASP A 48 10.04 10.62 -6.25
N LYS A 49 10.18 10.73 -7.57
CA LYS A 49 9.15 10.23 -8.48
C LYS A 49 9.08 8.72 -8.44
N GLN A 50 10.21 8.09 -8.16
CA GLN A 50 10.27 6.64 -8.10
C GLN A 50 9.97 6.04 -9.46
N ILE A 51 10.92 5.30 -10.03
CA ILE A 51 10.74 4.67 -11.34
C ILE A 51 10.48 3.18 -11.18
N LYS A 52 9.38 2.85 -10.53
CA LYS A 52 9.01 1.45 -10.32
C LYS A 52 9.02 0.69 -11.65
N ASN A 53 9.07 -0.63 -11.57
CA ASN A 53 9.08 -1.46 -12.76
C ASN A 53 7.71 -1.49 -13.40
N GLY A 54 7.67 -1.67 -14.72
CA GLY A 54 6.40 -1.72 -15.46
C GLY A 54 6.31 -2.99 -16.29
N GLU A 55 6.23 -4.13 -15.60
CA GLU A 55 6.12 -5.41 -16.29
C GLU A 55 4.72 -5.58 -16.89
N CYS A 56 4.47 -6.75 -17.46
CA CYS A 56 3.17 -7.04 -18.05
C CYS A 56 2.10 -7.18 -16.97
N ASP A 57 1.94 -8.40 -16.46
CA ASP A 57 0.96 -8.66 -15.43
C ASP A 57 -0.41 -8.10 -15.83
N LYS A 58 -0.89 -8.51 -17.00
CA LYS A 58 -2.18 -8.03 -17.49
C LYS A 58 -3.30 -8.95 -17.00
N ALA A 59 -3.05 -9.62 -15.86
CA ALA A 59 -4.05 -10.52 -15.30
C ALA A 59 -3.64 -10.95 -13.89
N TYR A 60 -2.34 -11.07 -13.67
CA TYR A 60 -1.83 -11.47 -12.35
C TYR A 60 -2.41 -10.59 -11.26
N LEU A 61 -2.77 -9.36 -11.62
CA LEU A 61 -3.34 -8.43 -10.65
C LEU A 61 -4.54 -9.06 -9.94
N ASP A 62 -5.20 -9.98 -10.63
CA ASP A 62 -6.36 -10.65 -10.05
C ASP A 62 -6.06 -11.14 -8.65
N GLU A 63 -4.86 -11.69 -8.47
CA GLU A 63 -4.46 -12.20 -7.17
C GLU A 63 -4.42 -11.08 -6.12
N LEU A 64 -3.64 -10.06 -6.40
CA LEU A 64 -3.53 -8.92 -5.48
C LEU A 64 -4.92 -8.43 -5.07
N VAL A 65 -5.80 -8.32 -6.05
CA VAL A 65 -7.16 -7.85 -5.78
C VAL A 65 -7.84 -8.74 -4.74
N GLU A 66 -7.89 -10.04 -5.03
CA GLU A 66 -8.51 -10.98 -4.12
C GLU A 66 -7.89 -10.88 -2.74
N LEU A 67 -6.57 -10.78 -2.70
CA LEU A 67 -5.86 -10.69 -1.43
C LEU A 67 -6.46 -9.61 -0.56
N HIS A 68 -6.46 -8.38 -1.09
CA HIS A 68 -7.01 -7.24 -0.36
C HIS A 68 -8.26 -7.65 0.41
N ARG A 69 -9.11 -8.45 -0.22
CA ARG A 69 -10.32 -8.91 0.43
C ARG A 69 -10.01 -9.80 1.62
N ARG A 70 -9.55 -11.03 1.34
CA ARG A 70 -9.22 -11.98 2.40
C ARG A 70 -8.54 -11.27 3.56
N LEU A 71 -7.91 -10.14 3.27
CA LEU A 71 -7.19 -9.38 4.30
C LEU A 71 -8.16 -8.56 5.13
N MET A 72 -9.19 -8.03 4.48
CA MET A 72 -10.18 -7.22 5.18
C MET A 72 -10.92 -8.04 6.22
N THR A 73 -11.59 -9.09 5.76
CA THR A 73 -12.37 -9.95 6.66
C THR A 73 -11.46 -10.93 7.37
N LEU A 74 -10.38 -10.41 7.96
CA LEU A 74 -9.42 -11.24 8.68
C LEU A 74 -9.25 -10.76 10.11
N ARG A 75 -8.85 -11.66 10.99
CA ARG A 75 -8.65 -11.34 12.40
C ARG A 75 -7.40 -12.03 12.95
N GLU A 76 -7.58 -12.75 14.06
CA GLU A 76 -6.47 -13.46 14.68
C GLU A 76 -5.28 -12.53 14.88
N ARG A 77 -5.12 -12.03 16.10
CA ARG A 77 -4.02 -11.13 16.41
C ARG A 77 -2.70 -11.87 16.35
N HIS A 78 -1.65 -11.26 16.91
CA HIS A 78 -0.33 -11.86 16.93
C HIS A 78 0.30 -11.80 15.54
N ILE A 79 -0.54 -11.80 14.51
CA ILE A 79 -0.07 -11.76 13.14
C ILE A 79 0.10 -10.31 12.69
N LEU A 80 -0.84 -9.45 13.09
CA LEU A 80 -0.78 -8.04 12.72
C LEU A 80 0.56 -7.43 13.12
N GLN A 81 1.02 -7.78 14.32
CA GLN A 81 2.28 -7.26 14.83
C GLN A 81 3.44 -7.76 13.97
N GLN A 82 3.14 -8.68 13.05
CA GLN A 82 4.17 -9.23 12.16
C GLN A 82 3.97 -8.70 10.74
N ILE A 83 2.90 -7.95 10.52
CA ILE A 83 2.63 -7.40 9.19
C ILE A 83 2.97 -5.91 9.16
N VAL A 84 2.48 -5.16 10.13
CA VAL A 84 2.75 -3.72 10.18
C VAL A 84 4.26 -3.45 10.23
N ASN A 85 4.95 -4.17 11.09
CA ASN A 85 6.39 -3.99 11.22
C ASN A 85 7.10 -4.39 9.93
N LEU A 86 6.60 -5.44 9.30
CA LEU A 86 7.19 -5.92 8.06
C LEU A 86 7.20 -4.82 7.02
N ILE A 87 6.06 -4.16 6.84
CA ILE A 87 5.96 -3.09 5.85
C ILE A 87 6.79 -1.89 6.30
N GLU A 88 6.93 -1.72 7.61
CA GLU A 88 7.70 -0.60 8.13
C GLU A 88 9.11 -0.61 7.55
N GLU A 89 9.66 -1.80 7.35
CA GLU A 89 11.00 -1.93 6.79
C GLU A 89 11.05 -1.41 5.36
N THR A 90 9.95 -1.60 4.63
CA THR A 90 9.88 -1.17 3.24
C THR A 90 10.16 0.32 3.14
N GLY A 91 9.16 1.08 2.70
CA GLY A 91 9.31 2.52 2.55
C GLY A 91 8.19 3.10 1.69
N HIS A 92 7.25 2.25 1.29
CA HIS A 92 6.12 2.68 0.46
C HIS A 92 4.79 2.41 1.15
N PHE A 93 4.62 3.00 2.34
CA PHE A 93 3.40 2.83 3.12
C PHE A 93 3.04 4.11 3.84
N HIS A 94 1.77 4.49 3.76
CA HIS A 94 1.31 5.72 4.41
C HIS A 94 0.80 5.41 5.81
N ILE A 95 1.24 6.21 6.77
CA ILE A 95 0.84 6.02 8.17
C ILE A 95 -0.09 7.14 8.63
N THR A 96 -1.05 6.79 9.48
CA THR A 96 -1.97 7.77 10.02
C THR A 96 -2.47 7.32 11.39
N ASN A 97 -2.61 8.27 12.29
CA ASN A 97 -3.08 7.97 13.64
C ASN A 97 -4.53 7.53 13.62
N THR A 98 -5.12 7.43 12.42
CA THR A 98 -6.51 7.02 12.29
C THR A 98 -6.64 5.94 11.21
N THR A 99 -5.57 5.73 10.43
CA THR A 99 -5.58 4.75 9.37
C THR A 99 -4.17 4.52 8.83
N PHE A 100 -3.98 3.39 8.17
CA PHE A 100 -2.68 3.06 7.61
C PHE A 100 -2.84 2.00 6.52
N ASP A 101 -2.29 2.29 5.34
CA ASP A 101 -2.37 1.36 4.22
C ASP A 101 -1.02 1.26 3.49
N PHE A 102 -1.04 0.63 2.32
CA PHE A 102 0.16 0.49 1.51
C PHE A 102 -0.18 -0.05 0.14
N ASP A 103 0.78 0.03 -0.79
CA ASP A 103 0.56 -0.45 -2.15
C ASP A 103 1.49 -1.63 -2.46
N LEU A 104 0.90 -2.80 -2.61
CA LEU A 104 1.66 -4.01 -2.90
C LEU A 104 2.04 -4.04 -4.37
N CYS A 105 1.57 -3.06 -5.12
CA CYS A 105 1.87 -2.98 -6.55
C CYS A 105 3.28 -2.44 -6.76
N SER A 106 3.99 -2.15 -5.67
CA SER A 106 5.36 -1.63 -5.75
C SER A 106 6.31 -2.51 -4.96
N LEU A 107 5.86 -2.96 -3.79
CA LEU A 107 6.69 -3.81 -2.94
C LEU A 107 7.04 -5.11 -3.66
N ASP A 108 8.27 -5.57 -3.46
CA ASP A 108 8.72 -6.81 -4.11
C ASP A 108 7.62 -7.86 -4.07
N LYS A 109 7.62 -8.76 -5.06
CA LYS A 109 6.61 -9.79 -5.12
C LYS A 109 6.85 -10.84 -4.03
N THR A 110 8.06 -10.87 -3.50
CA THR A 110 8.40 -11.82 -2.46
C THR A 110 7.55 -11.58 -1.22
N THR A 111 7.57 -10.34 -0.73
CA THR A 111 6.79 -9.99 0.46
C THR A 111 5.36 -10.54 0.34
N VAL A 112 4.79 -10.41 -0.86
CA VAL A 112 3.43 -10.87 -1.08
C VAL A 112 3.34 -12.38 -0.85
N ARG A 113 4.36 -13.10 -1.30
CA ARG A 113 4.39 -14.55 -1.13
C ARG A 113 4.43 -14.94 0.34
N LYS A 114 5.16 -14.16 1.12
CA LYS A 114 5.28 -14.43 2.55
C LYS A 114 3.92 -14.25 3.23
N LEU A 115 3.34 -13.06 3.06
CA LEU A 115 2.05 -12.78 3.67
C LEU A 115 1.09 -13.93 3.43
N GLN A 116 0.82 -14.21 2.16
CA GLN A 116 -0.08 -15.29 1.79
C GLN A 116 0.23 -16.55 2.61
N SER A 117 1.52 -16.84 2.75
CA SER A 117 1.95 -18.02 3.50
C SER A 117 1.23 -18.06 4.85
N TYR A 118 1.55 -17.09 5.71
CA TYR A 118 0.92 -17.03 7.03
C TYR A 118 -0.59 -16.92 6.90
N LEU A 119 -1.04 -16.22 5.86
CA LEU A 119 -2.46 -16.03 5.64
C LEU A 119 -3.15 -17.36 5.38
N GLU A 120 -2.45 -18.24 4.67
CA GLU A 120 -3.00 -19.54 4.33
C GLU A 120 -2.18 -20.64 5.00
N THR A 121 -2.44 -20.88 6.28
CA THR A 121 -1.73 -21.91 7.03
C THR A 121 -2.53 -23.19 7.07
N SER A 122 -2.05 -24.22 6.37
CA SER A 122 -2.74 -25.49 6.34
C SER A 122 -1.77 -26.61 5.93
N GLY A 123 -1.39 -26.62 4.66
CA GLY A 123 -0.47 -27.65 4.16
C GLY A 123 0.97 -27.31 4.53
N THR A 124 1.13 -26.56 5.61
CA THR A 124 2.46 -26.17 6.07
C THR A 124 3.32 -27.42 6.32
N SER A 125 4.36 -27.58 5.51
CA SER A 125 5.25 -28.73 5.65
C SER A 125 6.13 -28.57 6.87
N THR A 1 5.08 50.49 -25.81
CA THR A 1 4.47 51.21 -24.66
C THR A 1 4.08 50.20 -23.59
N ARG A 2 3.81 50.69 -22.38
CA ARG A 2 3.42 49.83 -21.27
C ARG A 2 4.49 48.75 -21.05
N LEU A 3 4.31 47.97 -19.98
CA LEU A 3 5.27 46.91 -19.65
C LEU A 3 4.53 45.59 -19.42
N PRO A 4 4.12 44.94 -20.48
CA PRO A 4 3.39 43.64 -20.40
C PRO A 4 4.10 42.65 -19.49
N LEU A 5 5.24 42.15 -19.93
CA LEU A 5 6.02 41.18 -19.16
C LEU A 5 5.09 40.12 -18.57
N PRO A 6 4.55 39.27 -19.40
CA PRO A 6 3.63 38.18 -18.96
C PRO A 6 4.19 37.40 -17.78
N LEU A 7 5.20 36.56 -18.04
CA LEU A 7 5.83 35.77 -17.00
C LEU A 7 4.78 35.24 -16.03
N ARG A 8 3.62 34.85 -16.57
CA ARG A 8 2.54 34.32 -15.75
C ARG A 8 3.08 33.33 -14.72
N ASP A 9 4.28 32.84 -14.96
CA ASP A 9 4.91 31.89 -14.05
C ASP A 9 4.74 32.35 -12.60
N THR A 10 5.06 31.47 -11.66
CA THR A 10 4.95 31.79 -10.25
C THR A 10 3.51 32.14 -9.89
N LYS A 11 3.11 31.82 -8.67
CA LYS A 11 1.75 32.10 -8.21
C LYS A 11 0.73 31.60 -9.23
N LEU A 12 1.07 30.52 -9.92
CA LEU A 12 0.18 29.95 -10.92
C LEU A 12 -0.89 29.08 -10.26
N LEU A 13 -2.14 29.26 -10.68
CA LEU A 13 -3.24 28.49 -10.13
C LEU A 13 -3.16 27.04 -10.61
N SER A 14 -3.78 26.14 -9.86
CA SER A 14 -3.79 24.72 -10.22
C SER A 14 -4.74 23.95 -9.33
N PRO A 15 -6.02 24.07 -9.57
CA PRO A 15 -7.07 23.36 -8.76
C PRO A 15 -6.75 21.87 -8.59
N LEU A 16 -6.07 21.30 -9.58
CA LEU A 16 -5.70 19.89 -9.54
C LEU A 16 -4.49 19.67 -8.65
N ARG A 17 -4.40 18.49 -8.06
CA ARG A 17 -3.28 18.17 -7.19
C ARG A 17 -3.29 16.69 -6.83
N ASP A 18 -4.44 16.20 -6.36
CA ASP A 18 -4.58 14.80 -5.97
C ASP A 18 -5.49 14.07 -6.95
N THR A 19 -6.00 12.92 -6.53
CA THR A 19 -6.88 12.12 -7.36
C THR A 19 -8.05 11.61 -6.55
N PRO A 20 -9.01 12.45 -6.25
CA PRO A 20 -10.21 12.05 -5.48
C PRO A 20 -10.89 10.79 -6.06
N PRO A 21 -11.01 10.68 -7.37
CA PRO A 21 -11.66 9.49 -8.01
C PRO A 21 -10.97 8.18 -7.59
N PRO A 22 -11.66 7.07 -7.72
CA PRO A 22 -11.11 5.73 -7.37
C PRO A 22 -10.02 5.30 -8.35
N GLN A 23 -8.85 4.94 -7.83
CA GLN A 23 -7.74 4.50 -8.67
C GLN A 23 -6.90 3.45 -7.95
N SER A 24 -6.50 2.42 -8.69
CA SER A 24 -5.70 1.35 -8.10
C SER A 24 -6.36 0.83 -6.84
N LEU A 25 -5.62 0.01 -6.09
CA LEU A 25 -6.14 -0.57 -4.84
C LEU A 25 -5.08 -0.46 -3.74
N MET A 26 -5.51 -0.04 -2.56
CA MET A 26 -4.60 0.12 -1.42
C MET A 26 -5.14 -0.61 -0.21
N VAL A 27 -4.38 -1.58 0.31
CA VAL A 27 -4.82 -2.35 1.47
C VAL A 27 -4.80 -1.46 2.71
N LYS A 28 -5.90 -1.42 3.47
CA LYS A 28 -5.96 -0.61 4.69
C LYS A 28 -6.49 -1.44 5.85
N ILE A 29 -5.70 -1.51 6.92
CA ILE A 29 -6.09 -2.28 8.11
C ILE A 29 -6.55 -1.34 9.21
N THR A 30 -7.82 -1.48 9.60
CA THR A 30 -8.39 -0.64 10.65
C THR A 30 -7.37 -0.35 11.74
N LEU A 31 -6.93 0.91 11.79
CA LEU A 31 -5.96 1.33 12.78
C LEU A 31 -6.55 1.31 14.18
N ASP A 32 -7.77 0.82 14.30
CA ASP A 32 -8.43 0.74 15.58
C ASP A 32 -7.89 -0.43 16.42
N LEU A 33 -7.84 -1.64 15.86
CA LEU A 33 -7.37 -2.83 16.59
C LEU A 33 -6.14 -3.48 15.96
N LEU A 34 -5.41 -2.70 15.18
CA LEU A 34 -4.21 -3.20 14.52
C LEU A 34 -3.06 -3.37 15.51
N SER A 35 -2.17 -4.34 15.27
CA SER A 35 -1.04 -4.59 16.18
C SER A 35 -0.80 -3.44 17.15
N ARG A 36 0.03 -2.49 16.72
CA ARG A 36 0.31 -1.30 17.53
C ARG A 36 0.70 -0.14 16.63
N ILE A 37 0.69 1.06 17.18
CA ILE A 37 1.03 2.27 16.41
C ILE A 37 2.43 2.76 16.80
N PRO A 38 3.45 2.57 15.96
CA PRO A 38 4.84 3.03 16.27
C PRO A 38 4.88 4.43 16.84
N GLN A 39 6.07 4.87 17.21
CA GLN A 39 6.23 6.19 17.79
C GLN A 39 5.74 7.28 16.80
N PRO A 40 5.04 8.31 17.27
CA PRO A 40 4.56 9.40 16.35
C PRO A 40 5.69 9.99 15.49
N PRO A 41 6.86 10.24 16.05
CA PRO A 41 7.99 10.81 15.26
C PRO A 41 8.31 9.99 14.02
N GLY A 42 9.47 10.26 13.43
CA GLY A 42 9.91 9.55 12.24
C GLY A 42 9.22 10.08 11.00
N LYS A 43 9.73 9.71 9.83
CA LYS A 43 9.15 10.18 8.57
C LYS A 43 9.55 9.24 7.42
N PRO A 44 8.73 9.16 6.39
CA PRO A 44 9.02 8.29 5.21
C PRO A 44 10.23 8.79 4.42
N MET A 45 10.34 8.33 3.17
CA MET A 45 11.46 8.73 2.32
C MET A 45 11.03 8.71 0.85
N GLY A 46 10.04 9.54 0.51
CA GLY A 46 9.53 9.62 -0.86
C GLY A 46 8.26 8.79 -1.01
N SER A 47 7.48 9.11 -2.04
CA SER A 47 6.23 8.40 -2.29
C SER A 47 5.80 8.58 -3.74
N ASP A 48 6.66 8.16 -4.68
CA ASP A 48 6.36 8.29 -6.11
C ASP A 48 7.10 7.21 -6.90
N LYS A 49 7.05 5.98 -6.40
CA LYS A 49 7.73 4.87 -7.07
C LYS A 49 7.04 4.57 -8.40
N GLN A 50 7.85 4.46 -9.46
CA GLN A 50 7.32 4.18 -10.78
C GLN A 50 7.08 2.68 -10.94
N ILE A 51 6.84 2.24 -12.17
CA ILE A 51 6.59 0.83 -12.44
C ILE A 51 6.50 0.59 -13.95
N LYS A 52 7.08 -0.52 -14.40
CA LYS A 52 7.06 -0.86 -15.82
C LYS A 52 7.28 -2.36 -16.01
N ASN A 53 6.19 -3.10 -16.07
CA ASN A 53 6.27 -4.56 -16.24
C ASN A 53 5.04 -5.06 -16.99
N GLY A 54 5.22 -6.17 -17.72
CA GLY A 54 4.11 -6.76 -18.48
C GLY A 54 3.34 -5.68 -19.24
N GLU A 55 3.76 -5.42 -20.47
CA GLU A 55 3.10 -4.41 -21.29
C GLU A 55 1.61 -4.70 -21.39
N CYS A 56 1.27 -5.91 -21.78
CA CYS A 56 -0.13 -6.31 -21.91
C CYS A 56 -0.31 -7.81 -21.63
N ASP A 57 0.09 -8.22 -20.44
CA ASP A 57 -0.03 -9.62 -20.05
C ASP A 57 0.25 -9.79 -18.56
N LYS A 58 -0.42 -9.00 -17.73
CA LYS A 58 -0.23 -9.05 -16.29
C LYS A 58 -1.18 -10.08 -15.68
N ALA A 59 -2.40 -9.65 -15.36
CA ALA A 59 -3.37 -10.54 -14.77
C ALA A 59 -2.99 -10.87 -13.33
N TYR A 60 -1.70 -11.02 -13.07
CA TYR A 60 -1.21 -11.33 -11.74
C TYR A 60 -1.88 -10.45 -10.70
N LEU A 61 -2.11 -9.18 -11.06
CA LEU A 61 -2.75 -8.24 -10.15
C LEU A 61 -4.04 -8.84 -9.58
N ASP A 62 -4.66 -9.72 -10.34
CA ASP A 62 -5.89 -10.36 -9.90
C ASP A 62 -5.72 -10.95 -8.50
N GLU A 63 -4.52 -11.47 -8.23
CA GLU A 63 -4.22 -12.06 -6.93
C GLU A 63 -4.25 -11.00 -5.83
N LEU A 64 -3.56 -9.89 -6.07
CA LEU A 64 -3.51 -8.81 -5.09
C LEU A 64 -4.92 -8.32 -4.76
N VAL A 65 -5.76 -8.22 -5.78
CA VAL A 65 -7.13 -7.77 -5.59
C VAL A 65 -7.89 -8.71 -4.65
N GLU A 66 -7.82 -10.00 -4.93
CA GLU A 66 -8.50 -10.99 -4.10
C GLU A 66 -7.97 -10.92 -2.68
N LEU A 67 -6.66 -10.78 -2.54
CA LEU A 67 -6.04 -10.71 -1.22
C LEU A 67 -6.67 -9.61 -0.40
N HIS A 68 -6.70 -8.40 -0.97
CA HIS A 68 -7.28 -7.25 -0.29
C HIS A 68 -8.57 -7.64 0.44
N ARG A 69 -9.40 -8.44 -0.23
CA ARG A 69 -10.65 -8.88 0.37
C ARG A 69 -10.39 -9.73 1.60
N ARG A 70 -9.84 -10.92 1.39
CA ARG A 70 -9.55 -11.82 2.50
C ARG A 70 -8.95 -11.06 3.67
N LEU A 71 -7.91 -10.29 3.38
CA LEU A 71 -7.23 -9.51 4.42
C LEU A 71 -8.25 -8.71 5.22
N MET A 72 -9.28 -8.21 4.54
CA MET A 72 -10.32 -7.43 5.22
C MET A 72 -11.05 -8.29 6.24
N THR A 73 -11.85 -9.24 5.75
CA THR A 73 -12.61 -10.12 6.64
C THR A 73 -11.71 -10.68 7.74
N LEU A 74 -10.77 -11.53 7.35
CA LEU A 74 -9.86 -12.15 8.31
C LEU A 74 -9.04 -11.06 9.01
N ARG A 75 -8.65 -11.33 10.25
CA ARG A 75 -7.86 -10.39 11.02
C ARG A 75 -7.32 -11.04 12.29
N GLU A 76 -6.95 -12.31 12.19
CA GLU A 76 -6.41 -13.03 13.33
C GLU A 76 -5.36 -12.19 14.05
N ARG A 77 -4.87 -12.70 15.18
CA ARG A 77 -3.86 -11.99 15.96
C ARG A 77 -2.48 -12.59 15.73
N HIS A 78 -1.45 -11.95 16.28
CA HIS A 78 -0.08 -12.43 16.13
C HIS A 78 0.41 -12.21 14.69
N ILE A 79 -0.53 -11.92 13.79
CA ILE A 79 -0.18 -11.69 12.39
C ILE A 79 -0.06 -10.19 12.11
N LEU A 80 -0.95 -9.42 12.73
CA LEU A 80 -0.93 -7.97 12.55
C LEU A 80 0.45 -7.41 12.87
N GLN A 81 1.00 -7.83 14.00
CA GLN A 81 2.32 -7.37 14.43
C GLN A 81 3.38 -7.80 13.42
N GLN A 82 3.01 -8.73 12.54
CA GLN A 82 3.93 -9.24 11.53
C GLN A 82 3.59 -8.67 10.16
N ILE A 83 2.53 -7.84 10.10
CA ILE A 83 2.11 -7.23 8.84
C ILE A 83 2.48 -5.75 8.83
N VAL A 84 2.21 -5.06 9.93
CA VAL A 84 2.51 -3.63 10.03
C VAL A 84 4.02 -3.38 10.05
N ASN A 85 4.73 -4.12 10.89
CA ASN A 85 6.17 -3.95 11.00
C ASN A 85 6.87 -4.35 9.70
N LEU A 86 6.47 -5.50 9.15
CA LEU A 86 7.06 -5.97 7.91
C LEU A 86 7.09 -4.87 6.86
N ILE A 87 6.02 -4.10 6.79
CA ILE A 87 5.94 -3.02 5.81
C ILE A 87 6.78 -1.83 6.28
N GLU A 88 6.84 -1.65 7.60
CA GLU A 88 7.60 -0.54 8.16
C GLU A 88 9.02 -0.55 7.61
N GLU A 89 9.57 -1.74 7.41
CA GLU A 89 10.93 -1.86 6.88
C GLU A 89 11.02 -1.35 5.44
N THR A 90 9.93 -1.53 4.69
CA THR A 90 9.91 -1.10 3.28
C THR A 90 10.18 0.40 3.18
N GLY A 91 9.17 1.16 2.74
CA GLY A 91 9.32 2.60 2.60
C GLY A 91 8.21 3.17 1.72
N HIS A 92 7.29 2.32 1.29
CA HIS A 92 6.17 2.74 0.43
C HIS A 92 4.84 2.47 1.12
N PHE A 93 4.65 3.09 2.29
CA PHE A 93 3.42 2.92 3.06
C PHE A 93 3.07 4.20 3.78
N HIS A 94 1.78 4.57 3.75
CA HIS A 94 1.32 5.78 4.41
C HIS A 94 0.81 5.46 5.80
N ILE A 95 1.25 6.25 6.80
CA ILE A 95 0.83 6.02 8.18
C ILE A 95 -0.10 7.14 8.65
N THR A 96 -1.10 6.78 9.46
CA THR A 96 -2.03 7.76 9.99
C THR A 96 -2.55 7.28 11.35
N ASN A 97 -2.81 8.22 12.23
CA ASN A 97 -3.31 7.88 13.55
C ASN A 97 -4.75 7.42 13.49
N THR A 98 -5.30 7.29 12.27
CA THR A 98 -6.68 6.84 12.09
C THR A 98 -6.77 5.84 10.93
N THR A 99 -5.65 5.60 10.26
CA THR A 99 -5.62 4.66 9.13
C THR A 99 -4.19 4.45 8.65
N PHE A 100 -3.94 3.33 7.99
CA PHE A 100 -2.62 3.02 7.48
C PHE A 100 -2.74 1.98 6.36
N ASP A 101 -2.14 2.28 5.21
CA ASP A 101 -2.18 1.37 4.08
C ASP A 101 -0.82 1.27 3.39
N PHE A 102 -0.79 0.61 2.25
CA PHE A 102 0.43 0.49 1.47
C PHE A 102 0.09 0.04 0.05
N ASP A 103 1.05 0.21 -0.86
CA ASP A 103 0.84 -0.15 -2.27
C ASP A 103 1.52 -1.48 -2.62
N LEU A 104 0.76 -2.56 -2.64
CA LEU A 104 1.30 -3.86 -2.99
C LEU A 104 1.64 -3.92 -4.47
N CYS A 105 1.15 -2.97 -5.24
CA CYS A 105 1.42 -2.93 -6.68
C CYS A 105 2.83 -2.41 -6.94
N SER A 106 3.62 -2.25 -5.88
CA SER A 106 5.00 -1.76 -5.99
C SER A 106 5.97 -2.71 -5.30
N LEU A 107 5.62 -3.12 -4.09
CA LEU A 107 6.46 -4.03 -3.32
C LEU A 107 6.69 -5.33 -4.10
N ASP A 108 7.90 -5.87 -3.99
CA ASP A 108 8.24 -7.11 -4.68
C ASP A 108 7.16 -8.16 -4.42
N LYS A 109 7.10 -9.16 -5.29
CA LYS A 109 6.11 -10.24 -5.15
C LYS A 109 6.49 -11.16 -3.99
N THR A 110 7.72 -11.01 -3.51
CA THR A 110 8.19 -11.84 -2.41
C THR A 110 7.45 -11.49 -1.12
N THR A 111 7.41 -10.20 -0.79
CA THR A 111 6.73 -9.75 0.41
C THR A 111 5.30 -10.27 0.42
N VAL A 112 4.61 -10.11 -0.70
CA VAL A 112 3.22 -10.56 -0.81
C VAL A 112 3.11 -12.07 -0.58
N ARG A 113 4.14 -12.79 -1.01
CA ARG A 113 4.16 -14.24 -0.85
C ARG A 113 4.28 -14.62 0.63
N LYS A 114 5.01 -13.82 1.39
CA LYS A 114 5.18 -14.07 2.81
C LYS A 114 3.84 -13.96 3.55
N LEU A 115 3.21 -12.79 3.40
CA LEU A 115 1.92 -12.55 4.05
C LEU A 115 0.96 -13.71 3.81
N GLN A 116 0.71 -13.99 2.53
CA GLN A 116 -0.20 -15.07 2.15
C GLN A 116 0.12 -16.33 2.95
N SER A 117 1.41 -16.62 3.07
CA SER A 117 1.86 -17.81 3.80
C SER A 117 1.26 -17.85 5.20
N TYR A 118 1.69 -16.92 6.05
CA TYR A 118 1.19 -16.86 7.42
C TYR A 118 -0.34 -16.86 7.46
N LEU A 119 -0.94 -16.16 6.51
CA LEU A 119 -2.40 -16.08 6.45
C LEU A 119 -3.00 -17.47 6.30
N GLU A 120 -2.18 -18.43 5.85
CA GLU A 120 -2.64 -19.81 5.68
C GLU A 120 -2.24 -20.67 6.87
N THR A 121 -2.78 -20.32 8.03
CA THR A 121 -2.49 -21.07 9.24
C THR A 121 -0.99 -21.33 9.36
N SER A 122 -0.26 -20.39 9.93
CA SER A 122 1.18 -20.52 10.09
C SER A 122 1.55 -21.94 10.52
N GLY A 123 2.75 -22.37 10.15
CA GLY A 123 3.22 -23.70 10.50
C GLY A 123 4.73 -23.80 10.45
N THR A 124 5.39 -22.64 10.50
CA THR A 124 6.85 -22.58 10.47
C THR A 124 7.44 -23.56 11.48
N SER A 125 8.44 -24.32 11.04
CA SER A 125 9.09 -25.28 11.93
C SER A 125 8.05 -26.17 12.60
N THR A 1 10.11 35.02 -10.35
CA THR A 1 11.26 35.37 -11.23
C THR A 1 10.87 35.15 -12.69
N ARG A 2 10.29 33.99 -12.97
CA ARG A 2 9.88 33.67 -14.33
C ARG A 2 10.97 34.02 -15.33
N LEU A 3 12.20 34.12 -14.85
CA LEU A 3 13.33 34.44 -15.70
C LEU A 3 13.83 33.18 -16.43
N PRO A 4 13.92 32.08 -15.72
CA PRO A 4 14.39 30.79 -16.30
C PRO A 4 13.54 30.35 -17.48
N LEU A 5 14.16 30.26 -18.65
CA LEU A 5 13.44 29.84 -19.85
C LEU A 5 14.42 29.36 -20.90
N PRO A 6 15.13 28.30 -20.63
CA PRO A 6 16.12 27.71 -21.58
C PRO A 6 15.44 27.00 -22.75
N LEU A 7 16.23 26.20 -23.47
CA LEU A 7 15.70 25.47 -24.61
C LEU A 7 14.92 24.25 -24.14
N ARG A 8 13.97 23.81 -24.96
CA ARG A 8 13.15 22.67 -24.63
C ARG A 8 12.52 22.84 -23.25
N ASP A 9 12.61 21.80 -22.42
CA ASP A 9 12.03 21.85 -21.07
C ASP A 9 13.02 21.28 -20.06
N THR A 10 12.57 21.14 -18.82
CA THR A 10 13.43 20.61 -17.76
C THR A 10 12.60 20.26 -16.53
N LYS A 11 12.08 19.04 -16.51
CA LYS A 11 11.26 18.59 -15.38
C LYS A 11 12.15 18.12 -14.23
N LEU A 12 11.65 18.29 -13.01
CA LEU A 12 12.41 17.89 -11.84
C LEU A 12 12.48 16.38 -11.75
N LEU A 13 12.05 15.70 -12.81
CA LEU A 13 12.08 14.25 -12.84
C LEU A 13 11.43 13.68 -11.57
N SER A 14 10.48 14.43 -11.01
CA SER A 14 9.78 13.98 -9.82
C SER A 14 8.76 12.90 -10.18
N PRO A 15 8.06 13.08 -11.27
CA PRO A 15 7.02 12.10 -11.74
C PRO A 15 7.63 10.73 -12.06
N LEU A 16 7.28 9.73 -11.25
CA LEU A 16 7.78 8.39 -11.47
C LEU A 16 7.12 7.74 -12.68
N ARG A 17 7.72 6.67 -13.18
CA ARG A 17 7.18 5.97 -14.33
C ARG A 17 5.87 5.29 -13.97
N ASP A 18 4.83 5.58 -14.73
CA ASP A 18 3.52 5.00 -14.47
C ASP A 18 2.58 5.25 -15.65
N THR A 19 2.35 4.22 -16.45
CA THR A 19 1.45 4.34 -17.60
C THR A 19 0.00 4.11 -17.16
N PRO A 20 -0.22 3.14 -16.31
CA PRO A 20 -1.59 2.80 -15.83
C PRO A 20 -2.28 3.99 -15.17
N PRO A 21 -3.59 3.96 -15.08
CA PRO A 21 -4.37 5.06 -14.44
C PRO A 21 -4.15 5.12 -12.92
N PRO A 22 -4.47 6.24 -12.32
CA PRO A 22 -4.31 6.43 -10.85
C PRO A 22 -5.26 5.53 -10.05
N GLN A 23 -6.20 4.90 -10.74
CA GLN A 23 -7.15 4.01 -10.08
C GLN A 23 -6.52 2.64 -9.83
N SER A 24 -6.56 2.20 -8.58
CA SER A 24 -6.01 0.91 -8.21
C SER A 24 -6.65 0.39 -6.93
N LEU A 25 -5.93 -0.44 -6.19
CA LEU A 25 -6.44 -1.00 -4.95
C LEU A 25 -5.38 -0.92 -3.86
N MET A 26 -5.80 -0.48 -2.67
CA MET A 26 -4.88 -0.34 -1.53
C MET A 26 -5.46 -1.09 -0.33
N VAL A 27 -4.56 -1.57 0.53
CA VAL A 27 -4.97 -2.29 1.73
C VAL A 27 -4.94 -1.36 2.94
N LYS A 28 -6.08 -1.21 3.62
CA LYS A 28 -6.17 -0.35 4.80
C LYS A 28 -6.79 -1.11 5.97
N ILE A 29 -6.08 -1.13 7.09
CA ILE A 29 -6.58 -1.82 8.28
C ILE A 29 -7.05 -0.81 9.32
N THR A 30 -8.35 -0.82 9.60
CA THR A 30 -8.91 0.11 10.57
C THR A 30 -8.06 0.14 11.83
N LEU A 31 -7.43 1.28 12.09
CA LEU A 31 -6.58 1.43 13.27
C LEU A 31 -7.33 1.04 14.53
N ASP A 32 -8.64 1.28 14.53
CA ASP A 32 -9.46 0.95 15.68
C ASP A 32 -9.38 -0.54 16.01
N LEU A 33 -8.58 -1.26 15.24
CA LEU A 33 -8.40 -2.70 15.46
C LEU A 33 -6.94 -3.03 15.73
N LEU A 34 -6.16 -2.02 16.13
CA LEU A 34 -4.75 -2.23 16.44
C LEU A 34 -4.42 -1.63 17.79
N SER A 35 -3.25 -2.00 18.32
CA SER A 35 -2.80 -1.50 19.62
C SER A 35 -1.57 -0.63 19.45
N ARG A 36 -0.39 -1.25 19.58
CA ARG A 36 0.85 -0.52 19.45
C ARG A 36 1.02 0.01 18.04
N ILE A 37 1.66 1.18 17.92
CA ILE A 37 1.88 1.80 16.61
C ILE A 37 3.38 1.95 16.33
N PRO A 38 3.78 1.85 15.09
CA PRO A 38 5.22 1.98 14.70
C PRO A 38 5.72 3.42 14.80
N GLN A 39 6.88 3.58 15.44
CA GLN A 39 7.46 4.91 15.61
C GLN A 39 7.82 5.52 14.26
N PRO A 40 7.75 6.82 14.13
CA PRO A 40 8.08 7.52 12.86
C PRO A 40 9.58 7.38 12.49
N PRO A 41 9.91 6.79 11.36
CA PRO A 41 11.33 6.63 10.93
C PRO A 41 11.91 7.92 10.37
N GLY A 42 11.80 8.08 9.06
CA GLY A 42 12.33 9.28 8.41
C GLY A 42 11.99 9.28 6.92
N LYS A 43 12.97 8.91 6.09
CA LYS A 43 12.76 8.87 4.66
C LYS A 43 13.91 8.14 3.96
N PRO A 44 14.06 6.88 4.22
CA PRO A 44 15.15 6.05 3.61
C PRO A 44 14.86 5.71 2.15
N MET A 45 15.57 6.39 1.25
CA MET A 45 15.39 6.13 -0.19
C MET A 45 16.22 4.93 -0.61
N GLY A 46 15.73 4.20 -1.61
CA GLY A 46 16.43 3.02 -2.12
C GLY A 46 15.78 1.74 -1.60
N SER A 47 15.40 0.86 -2.52
CA SER A 47 14.77 -0.40 -2.15
C SER A 47 14.77 -1.37 -3.32
N ASP A 48 13.72 -1.31 -4.13
CA ASP A 48 13.62 -2.19 -5.29
C ASP A 48 14.70 -1.86 -6.31
N LYS A 49 14.46 -2.23 -7.56
CA LYS A 49 15.43 -1.97 -8.63
C LYS A 49 14.71 -1.73 -9.94
N GLN A 50 14.17 -2.80 -10.52
CA GLN A 50 13.46 -2.69 -11.80
C GLN A 50 12.74 -4.00 -12.12
N ILE A 51 13.40 -5.12 -11.82
CA ILE A 51 12.82 -6.42 -12.09
C ILE A 51 12.46 -6.56 -13.56
N LYS A 52 13.30 -7.27 -14.30
CA LYS A 52 13.06 -7.48 -15.74
C LYS A 52 11.71 -8.14 -15.95
N ASN A 53 11.49 -8.62 -17.17
CA ASN A 53 10.23 -9.29 -17.50
C ASN A 53 9.91 -10.36 -16.47
N GLY A 54 8.69 -10.90 -16.54
CA GLY A 54 8.27 -11.94 -15.62
C GLY A 54 6.90 -12.49 -16.00
N GLU A 55 5.88 -12.12 -15.23
CA GLU A 55 4.53 -12.57 -15.50
C GLU A 55 4.02 -12.01 -16.83
N CYS A 56 2.84 -12.45 -17.25
CA CYS A 56 2.26 -11.99 -18.50
C CYS A 56 1.45 -10.71 -18.27
N ASP A 57 0.15 -10.78 -18.55
CA ASP A 57 -0.73 -9.62 -18.37
C ASP A 57 -1.74 -9.89 -17.25
N LYS A 58 -3.02 -9.77 -17.58
CA LYS A 58 -4.07 -10.00 -16.60
C LYS A 58 -3.87 -11.35 -15.92
N ALA A 59 -3.20 -11.35 -14.78
CA ALA A 59 -2.96 -12.59 -14.04
C ALA A 59 -2.40 -12.28 -12.65
N TYR A 60 -1.42 -11.38 -12.59
CA TYR A 60 -0.81 -11.01 -11.32
C TYR A 60 -1.61 -9.91 -10.64
N LEU A 61 -2.34 -9.13 -11.44
CA LEU A 61 -3.15 -8.03 -10.90
C LEU A 61 -4.40 -8.58 -10.22
N ASP A 62 -5.16 -9.39 -10.96
CA ASP A 62 -6.38 -9.96 -10.40
C ASP A 62 -6.11 -10.63 -9.06
N GLU A 63 -4.87 -11.10 -8.87
CA GLU A 63 -4.49 -11.77 -7.64
C GLU A 63 -4.53 -10.79 -6.47
N LEU A 64 -3.72 -9.74 -6.56
CA LEU A 64 -3.66 -8.73 -5.50
C LEU A 64 -5.07 -8.28 -5.12
N VAL A 65 -5.94 -8.16 -6.11
CA VAL A 65 -7.31 -7.72 -5.87
C VAL A 65 -7.99 -8.67 -4.88
N GLU A 66 -8.00 -9.96 -5.20
CA GLU A 66 -8.63 -10.94 -4.32
C GLU A 66 -8.00 -10.89 -2.93
N LEU A 67 -6.69 -10.75 -2.89
CA LEU A 67 -5.97 -10.72 -1.62
C LEU A 67 -6.53 -9.62 -0.72
N HIS A 68 -6.58 -8.41 -1.25
CA HIS A 68 -7.09 -7.27 -0.48
C HIS A 68 -8.34 -7.67 0.30
N ARG A 69 -9.22 -8.40 -0.36
CA ARG A 69 -10.46 -8.82 0.29
C ARG A 69 -10.18 -9.70 1.50
N ARG A 70 -9.65 -10.88 1.25
CA ARG A 70 -9.36 -11.82 2.32
C ARG A 70 -8.68 -11.09 3.49
N LEU A 71 -7.69 -10.28 3.17
CA LEU A 71 -6.96 -9.55 4.20
C LEU A 71 -7.91 -8.75 5.07
N MET A 72 -8.94 -8.18 4.44
CA MET A 72 -9.91 -7.38 5.19
C MET A 72 -10.64 -8.23 6.21
N THR A 73 -11.22 -9.34 5.75
CA THR A 73 -11.96 -10.23 6.65
C THR A 73 -11.04 -11.23 7.31
N LEU A 74 -9.99 -10.72 7.93
CA LEU A 74 -9.01 -11.58 8.60
C LEU A 74 -8.15 -10.77 9.58
N ARG A 75 -7.69 -11.43 10.62
CA ARG A 75 -6.86 -10.76 11.62
C ARG A 75 -6.14 -11.80 12.49
N GLU A 76 -6.90 -12.74 13.05
CA GLU A 76 -6.34 -13.77 13.90
C GLU A 76 -5.63 -13.15 15.11
N ARG A 77 -5.48 -11.84 15.09
CA ARG A 77 -4.82 -11.14 16.18
C ARG A 77 -3.42 -11.71 16.41
N HIS A 78 -2.55 -10.92 17.04
CA HIS A 78 -1.20 -11.35 17.31
C HIS A 78 -0.36 -11.36 16.04
N ILE A 79 -1.05 -11.33 14.90
CA ILE A 79 -0.38 -11.32 13.60
C ILE A 79 -0.22 -9.89 13.09
N LEU A 80 -1.16 -9.04 13.45
CA LEU A 80 -1.13 -7.65 13.01
C LEU A 80 0.26 -7.04 13.29
N GLN A 81 0.85 -7.44 14.41
CA GLN A 81 2.16 -6.93 14.79
C GLN A 81 3.24 -7.49 13.86
N GLN A 82 2.89 -8.54 13.12
CA GLN A 82 3.82 -9.16 12.19
C GLN A 82 3.62 -8.63 10.77
N ILE A 83 2.54 -7.88 10.57
CA ILE A 83 2.23 -7.31 9.26
C ILE A 83 2.68 -5.85 9.20
N VAL A 84 2.26 -5.07 10.19
CA VAL A 84 2.63 -3.65 10.22
C VAL A 84 4.14 -3.48 10.12
N ASN A 85 4.88 -4.29 10.87
CA ASN A 85 6.34 -4.22 10.85
C ASN A 85 6.88 -4.56 9.47
N LEU A 86 6.50 -5.72 8.95
CA LEU A 86 6.96 -6.16 7.64
C LEU A 86 6.93 -5.00 6.65
N ILE A 87 5.82 -4.29 6.61
CA ILE A 87 5.69 -3.17 5.68
C ILE A 87 6.56 -2.00 6.11
N GLU A 88 6.75 -1.86 7.41
CA GLU A 88 7.57 -0.77 7.93
C GLU A 88 8.95 -0.78 7.28
N GLU A 89 9.46 -1.98 6.99
CA GLU A 89 10.77 -2.11 6.37
C GLU A 89 10.75 -1.58 4.94
N THR A 90 9.63 -1.77 4.26
CA THR A 90 9.51 -1.33 2.86
C THR A 90 9.79 0.17 2.74
N GLY A 91 8.78 0.92 2.34
CA GLY A 91 8.92 2.36 2.18
C GLY A 91 7.64 2.97 1.60
N HIS A 92 7.09 2.31 0.59
CA HIS A 92 5.86 2.79 -0.05
C HIS A 92 4.64 2.51 0.83
N PHE A 93 4.64 3.09 2.03
CA PHE A 93 3.53 2.91 2.96
C PHE A 93 3.32 4.18 3.77
N HIS A 94 2.06 4.57 3.95
CA HIS A 94 1.75 5.78 4.71
C HIS A 94 1.15 5.40 6.05
N ILE A 95 1.64 6.06 7.11
CA ILE A 95 1.15 5.79 8.48
C ILE A 95 0.28 6.93 8.97
N THR A 96 -0.79 6.58 9.69
CA THR A 96 -1.68 7.58 10.25
C THR A 96 -2.20 7.11 11.60
N ASN A 97 -2.35 8.05 12.52
CA ASN A 97 -2.84 7.73 13.85
C ASN A 97 -4.31 7.35 13.81
N THR A 98 -4.90 7.29 12.61
CA THR A 98 -6.30 6.93 12.46
C THR A 98 -6.46 5.87 11.37
N THR A 99 -5.38 5.62 10.62
CA THR A 99 -5.42 4.63 9.56
C THR A 99 -4.01 4.39 8.99
N PHE A 100 -3.84 3.27 8.31
CA PHE A 100 -2.55 2.95 7.72
C PHE A 100 -2.75 1.93 6.59
N ASP A 101 -2.15 2.23 5.44
CA ASP A 101 -2.25 1.34 4.28
C ASP A 101 -0.91 1.21 3.57
N PHE A 102 -0.93 0.56 2.41
CA PHE A 102 0.27 0.41 1.61
C PHE A 102 -0.08 -0.08 0.21
N ASP A 103 0.90 0.02 -0.71
CA ASP A 103 0.68 -0.39 -2.10
C ASP A 103 1.53 -1.61 -2.44
N LEU A 104 0.87 -2.73 -2.76
CA LEU A 104 1.57 -3.95 -3.11
C LEU A 104 1.93 -3.95 -4.59
N CYS A 105 1.48 -2.92 -5.30
CA CYS A 105 1.75 -2.81 -6.73
C CYS A 105 3.14 -2.23 -6.96
N SER A 106 3.93 -2.11 -5.89
CA SER A 106 5.29 -1.56 -5.99
C SER A 106 6.29 -2.49 -5.31
N LEU A 107 5.85 -3.15 -4.25
CA LEU A 107 6.72 -4.07 -3.52
C LEU A 107 6.92 -5.36 -4.30
N ASP A 108 8.15 -5.86 -4.30
CA ASP A 108 8.47 -7.10 -5.01
C ASP A 108 7.37 -8.13 -4.78
N LYS A 109 7.26 -9.08 -5.71
CA LYS A 109 6.23 -10.11 -5.59
C LYS A 109 6.60 -11.12 -4.51
N THR A 110 7.85 -11.07 -4.06
CA THR A 110 8.32 -11.99 -3.04
C THR A 110 7.68 -11.67 -1.69
N THR A 111 7.70 -10.39 -1.32
CA THR A 111 7.11 -9.95 -0.06
C THR A 111 5.68 -10.47 0.06
N VAL A 112 4.92 -10.34 -1.03
CA VAL A 112 3.54 -10.79 -1.03
C VAL A 112 3.47 -12.31 -0.94
N ARG A 113 4.40 -12.97 -1.61
CA ARG A 113 4.44 -14.43 -1.60
C ARG A 113 4.61 -14.95 -0.17
N LYS A 114 5.50 -14.32 0.58
CA LYS A 114 5.75 -14.73 1.95
C LYS A 114 4.49 -14.54 2.80
N LEU A 115 3.88 -13.38 2.62
CA LEU A 115 2.67 -13.07 3.36
C LEU A 115 1.63 -14.16 3.15
N GLN A 116 1.26 -14.38 1.90
CA GLN A 116 0.28 -15.40 1.56
C GLN A 116 0.58 -16.70 2.32
N SER A 117 1.87 -17.02 2.40
CA SER A 117 2.28 -18.24 3.08
C SER A 117 1.69 -18.31 4.48
N TYR A 118 2.21 -17.50 5.38
CA TYR A 118 1.72 -17.49 6.76
C TYR A 118 0.19 -17.46 6.79
N LEU A 119 -0.39 -16.74 5.84
CA LEU A 119 -1.84 -16.62 5.80
C LEU A 119 -2.48 -17.98 5.63
N GLU A 120 -1.99 -18.73 4.64
CA GLU A 120 -2.52 -20.06 4.37
C GLU A 120 -1.62 -21.11 4.99
N THR A 121 -1.58 -21.13 6.32
CA THR A 121 -0.75 -22.10 7.03
C THR A 121 -1.43 -22.53 8.33
N SER A 122 -1.94 -23.75 8.34
CA SER A 122 -2.62 -24.28 9.52
C SER A 122 -1.60 -24.81 10.52
N GLY A 123 -1.56 -26.14 10.68
CA GLY A 123 -0.63 -26.77 11.61
C GLY A 123 -1.25 -26.91 12.99
N THR A 124 -0.46 -26.59 14.02
CA THR A 124 -0.94 -26.68 15.40
C THR A 124 -0.32 -25.57 16.25
N SER A 125 0.73 -24.94 15.73
CA SER A 125 1.40 -23.87 16.45
C SER A 125 2.30 -23.08 15.51
N THR A 1 -12.44 34.30 -26.04
CA THR A 1 -11.87 35.53 -25.44
C THR A 1 -12.25 35.61 -23.97
N ARG A 2 -13.39 34.99 -23.63
CA ARG A 2 -13.85 35.00 -22.25
C ARG A 2 -12.95 34.13 -21.37
N LEU A 3 -13.57 33.35 -20.49
CA LEU A 3 -12.82 32.48 -19.60
C LEU A 3 -13.76 31.45 -18.95
N PRO A 4 -14.22 30.49 -19.72
CA PRO A 4 -15.12 29.43 -19.21
C PRO A 4 -14.62 28.81 -17.91
N LEU A 5 -15.54 28.61 -16.96
CA LEU A 5 -15.20 28.03 -15.67
C LEU A 5 -16.45 27.88 -14.80
N PRO A 6 -17.29 28.88 -14.78
CA PRO A 6 -18.53 28.86 -13.95
C PRO A 6 -19.45 27.69 -14.30
N LEU A 7 -19.29 27.18 -15.51
CA LEU A 7 -20.11 26.05 -15.97
C LEU A 7 -19.53 24.73 -15.48
N ARG A 8 -19.62 24.50 -14.18
CA ARG A 8 -19.11 23.27 -13.59
C ARG A 8 -19.48 22.07 -14.46
N ASP A 9 -18.56 21.67 -15.33
CA ASP A 9 -18.80 20.53 -16.21
C ASP A 9 -18.72 19.22 -15.43
N THR A 10 -17.50 18.76 -15.19
CA THR A 10 -17.29 17.51 -14.45
C THR A 10 -16.69 17.81 -13.08
N LYS A 11 -17.52 18.31 -12.18
CA LYS A 11 -17.06 18.64 -10.83
C LYS A 11 -16.50 17.40 -10.14
N LEU A 12 -16.79 16.24 -10.71
CA LEU A 12 -16.31 14.98 -10.13
C LEU A 12 -14.78 14.97 -10.10
N LEU A 13 -14.20 15.67 -9.15
CA LEU A 13 -12.75 15.74 -9.02
C LEU A 13 -12.34 15.75 -7.55
N SER A 14 -13.33 15.88 -6.68
CA SER A 14 -13.05 15.90 -5.24
C SER A 14 -11.99 16.93 -4.92
N PRO A 15 -12.35 18.19 -4.91
CA PRO A 15 -11.40 19.31 -4.61
C PRO A 15 -10.53 19.01 -3.39
N LEU A 16 -10.99 18.09 -2.55
CA LEU A 16 -10.24 17.73 -1.35
C LEU A 16 -9.21 16.65 -1.67
N ARG A 17 -8.08 16.71 -0.97
CA ARG A 17 -7.02 15.75 -1.18
C ARG A 17 -6.56 15.77 -2.64
N ASP A 18 -5.36 15.26 -2.89
CA ASP A 18 -4.82 15.21 -4.24
C ASP A 18 -5.80 14.53 -5.18
N THR A 19 -6.45 13.48 -4.69
CA THR A 19 -7.41 12.74 -5.51
C THR A 19 -6.72 12.18 -6.75
N PRO A 20 -5.81 11.26 -6.58
CA PRO A 20 -5.08 10.67 -7.71
C PRO A 20 -5.99 9.77 -8.58
N PRO A 21 -6.07 10.00 -9.89
CA PRO A 21 -6.90 9.15 -10.79
C PRO A 21 -6.65 7.64 -10.58
N PRO A 22 -5.39 7.20 -10.50
CA PRO A 22 -5.10 5.75 -10.30
C PRO A 22 -5.37 5.30 -8.86
N GLN A 23 -6.64 5.01 -8.57
CA GLN A 23 -7.03 4.56 -7.24
C GLN A 23 -6.84 3.04 -7.12
N SER A 24 -7.51 2.30 -7.99
CA SER A 24 -7.42 0.84 -7.97
C SER A 24 -7.87 0.30 -6.62
N LEU A 25 -7.07 -0.61 -6.05
CA LEU A 25 -7.40 -1.21 -4.76
C LEU A 25 -6.19 -1.13 -3.83
N MET A 26 -6.44 -0.71 -2.59
CA MET A 26 -5.40 -0.57 -1.59
C MET A 26 -5.77 -1.33 -0.32
N VAL A 27 -4.76 -1.71 0.46
CA VAL A 27 -5.00 -2.44 1.72
C VAL A 27 -4.89 -1.48 2.89
N LYS A 28 -5.97 -1.35 3.67
CA LYS A 28 -5.98 -0.46 4.83
C LYS A 28 -6.48 -1.18 6.07
N ILE A 29 -5.68 -1.14 7.13
CA ILE A 29 -6.04 -1.79 8.39
C ILE A 29 -6.46 -0.73 9.41
N THR A 30 -7.73 -0.73 9.77
CA THR A 30 -8.25 0.24 10.72
C THR A 30 -7.36 0.30 11.95
N LEU A 31 -6.76 1.45 12.19
CA LEU A 31 -5.88 1.62 13.35
C LEU A 31 -6.58 1.15 14.63
N ASP A 32 -7.82 1.59 14.81
CA ASP A 32 -8.59 1.22 15.99
C ASP A 32 -8.58 -0.30 16.17
N LEU A 33 -8.06 -1.01 15.16
CA LEU A 33 -7.99 -2.47 15.19
C LEU A 33 -6.56 -2.94 15.06
N LEU A 34 -5.61 -2.17 15.61
CA LEU A 34 -4.21 -2.52 15.56
C LEU A 34 -3.65 -2.68 16.96
N SER A 35 -3.96 -1.72 17.84
CA SER A 35 -3.48 -1.76 19.23
C SER A 35 -2.08 -1.17 19.34
N ARG A 36 -1.11 -1.85 18.72
CA ARG A 36 0.29 -1.41 18.77
C ARG A 36 0.69 -0.81 17.43
N ILE A 37 1.17 0.44 17.46
CA ILE A 37 1.60 1.11 16.23
C ILE A 37 3.13 1.31 16.25
N PRO A 38 3.84 0.82 15.24
CA PRO A 38 5.32 0.98 15.18
C PRO A 38 5.78 2.40 15.51
N GLN A 39 6.73 2.52 16.44
CA GLN A 39 7.23 3.82 16.83
C GLN A 39 7.85 4.55 15.62
N PRO A 40 7.83 5.86 15.62
CA PRO A 40 8.39 6.67 14.49
C PRO A 40 9.89 6.37 14.25
N PRO A 41 10.26 5.74 13.15
CA PRO A 41 11.68 5.42 12.85
C PRO A 41 12.60 6.62 13.02
N GLY A 42 12.09 7.79 12.69
CA GLY A 42 12.88 9.02 12.80
C GLY A 42 13.99 9.04 11.76
N LYS A 43 13.76 8.36 10.64
CA LYS A 43 14.75 8.29 9.57
C LYS A 43 14.08 8.03 8.23
N PRO A 44 13.50 9.05 7.63
CA PRO A 44 12.80 8.92 6.31
C PRO A 44 13.70 8.32 5.24
N MET A 45 13.16 7.42 4.44
CA MET A 45 13.92 6.78 3.38
C MET A 45 13.98 7.69 2.15
N GLY A 46 13.33 8.84 2.25
CA GLY A 46 13.32 9.79 1.13
C GLY A 46 12.62 9.19 -0.08
N SER A 47 11.90 10.03 -0.82
CA SER A 47 11.18 9.58 -2.00
C SER A 47 12.15 9.28 -3.13
N ASP A 48 11.88 8.22 -3.89
CA ASP A 48 12.75 7.83 -5.00
C ASP A 48 12.02 6.84 -5.92
N LYS A 49 12.56 5.63 -6.00
CA LYS A 49 11.97 4.60 -6.85
C LYS A 49 11.91 5.06 -8.29
N GLN A 50 12.61 4.34 -9.16
CA GLN A 50 12.64 4.69 -10.58
C GLN A 50 11.36 4.22 -11.27
N ILE A 51 10.88 5.01 -12.23
CA ILE A 51 9.67 4.67 -12.96
C ILE A 51 9.83 3.32 -13.65
N LYS A 52 8.70 2.69 -13.98
CA LYS A 52 8.73 1.40 -14.65
C LYS A 52 7.39 1.11 -15.31
N ASN A 53 7.10 1.83 -16.39
CA ASN A 53 5.84 1.64 -17.12
C ASN A 53 6.06 0.78 -18.36
N GLY A 54 5.15 -0.15 -18.59
CA GLY A 54 5.26 -1.04 -19.74
C GLY A 54 4.38 -2.27 -19.56
N GLU A 55 4.83 -3.19 -18.71
CA GLU A 55 4.07 -4.42 -18.45
C GLU A 55 2.94 -4.15 -17.47
N CYS A 56 1.71 -4.45 -17.89
CA CYS A 56 0.55 -4.24 -17.04
C CYS A 56 0.43 -5.38 -16.02
N ASP A 57 -0.40 -5.17 -15.01
CA ASP A 57 -0.60 -6.19 -13.97
C ASP A 57 -1.56 -7.26 -14.46
N LYS A 58 -1.73 -7.35 -15.77
CA LYS A 58 -2.62 -8.34 -16.36
C LYS A 58 -2.40 -9.70 -15.72
N ALA A 59 -3.48 -10.41 -15.44
CA ALA A 59 -3.39 -11.73 -14.83
C ALA A 59 -2.95 -11.64 -13.38
N TYR A 60 -1.73 -11.17 -13.16
CA TYR A 60 -1.20 -11.05 -11.82
C TYR A 60 -2.18 -10.31 -10.90
N LEU A 61 -2.65 -9.15 -11.35
CA LEU A 61 -3.59 -8.36 -10.58
C LEU A 61 -4.63 -9.26 -9.92
N ASP A 62 -4.92 -10.39 -10.56
CA ASP A 62 -5.91 -11.33 -10.03
C ASP A 62 -5.59 -11.67 -8.58
N GLU A 63 -4.33 -11.96 -8.30
CA GLU A 63 -3.92 -12.30 -6.94
C GLU A 63 -3.95 -11.07 -6.05
N LEU A 64 -3.22 -10.04 -6.44
CA LEU A 64 -3.16 -8.80 -5.66
C LEU A 64 -4.56 -8.37 -5.24
N VAL A 65 -5.47 -8.30 -6.21
CA VAL A 65 -6.84 -7.90 -5.94
C VAL A 65 -7.52 -8.90 -4.99
N GLU A 66 -7.30 -10.19 -5.24
CA GLU A 66 -7.91 -11.21 -4.42
C GLU A 66 -7.42 -11.11 -2.97
N LEU A 67 -6.14 -10.78 -2.81
CA LEU A 67 -5.57 -10.67 -1.47
C LEU A 67 -6.26 -9.56 -0.69
N HIS A 68 -6.27 -8.36 -1.26
CA HIS A 68 -6.90 -7.22 -0.60
C HIS A 68 -8.21 -7.64 0.08
N ARG A 69 -8.99 -8.45 -0.63
CA ARG A 69 -10.25 -8.91 -0.07
C ARG A 69 -10.00 -9.79 1.16
N ARG A 70 -9.47 -10.99 0.91
CA ARG A 70 -9.20 -11.91 2.01
C ARG A 70 -8.50 -11.19 3.16
N LEU A 71 -7.92 -10.03 2.85
CA LEU A 71 -7.20 -9.26 3.86
C LEU A 71 -8.18 -8.53 4.76
N MET A 72 -9.29 -8.09 4.18
CA MET A 72 -10.29 -7.36 4.96
C MET A 72 -10.96 -8.28 5.97
N THR A 73 -11.74 -9.24 5.47
CA THR A 73 -12.43 -10.19 6.34
C THR A 73 -11.54 -10.61 7.51
N LEU A 74 -10.24 -10.66 7.26
CA LEU A 74 -9.30 -11.07 8.28
C LEU A 74 -9.18 -9.99 9.35
N ARG A 75 -9.55 -10.32 10.57
CA ARG A 75 -9.49 -9.38 11.69
C ARG A 75 -8.07 -9.32 12.25
N GLU A 76 -7.23 -10.27 11.85
CA GLU A 76 -5.86 -10.32 12.32
C GLU A 76 -5.82 -10.50 13.84
N ARG A 77 -4.74 -11.09 14.33
CA ARG A 77 -4.59 -11.32 15.76
C ARG A 77 -3.18 -11.78 16.08
N HIS A 78 -2.43 -10.94 16.79
CA HIS A 78 -1.05 -11.26 17.16
C HIS A 78 -0.15 -11.27 15.94
N ILE A 79 -0.75 -11.24 14.75
CA ILE A 79 -0.01 -11.23 13.50
C ILE A 79 0.01 -9.83 12.90
N LEU A 80 -1.01 -9.06 13.22
CA LEU A 80 -1.11 -7.69 12.71
C LEU A 80 0.22 -6.96 12.90
N GLN A 81 0.89 -7.25 14.02
CA GLN A 81 2.17 -6.61 14.31
C GLN A 81 3.29 -7.23 13.47
N GLN A 82 2.99 -8.38 12.87
CA GLN A 82 3.96 -9.08 12.03
C GLN A 82 3.82 -8.66 10.57
N ILE A 83 2.66 -8.09 10.23
CA ILE A 83 2.42 -7.64 8.85
C ILE A 83 2.88 -6.20 8.68
N VAL A 84 2.35 -5.30 9.50
CA VAL A 84 2.71 -3.89 9.41
C VAL A 84 4.23 -3.73 9.44
N ASN A 85 4.88 -4.50 10.29
CA ASN A 85 6.34 -4.42 10.41
C ASN A 85 7.00 -4.85 9.11
N LEU A 86 6.46 -5.90 8.50
CA LEU A 86 7.01 -6.42 7.26
C LEU A 86 6.99 -5.34 6.18
N ILE A 87 6.07 -4.40 6.31
CA ILE A 87 5.95 -3.32 5.32
C ILE A 87 6.78 -2.12 5.76
N GLU A 88 6.86 -1.90 7.07
CA GLU A 88 7.63 -0.79 7.60
C GLU A 88 9.02 -0.78 7.00
N GLU A 89 9.61 -1.96 6.85
CA GLU A 89 10.96 -2.07 6.29
C GLU A 89 11.00 -1.55 4.85
N THR A 90 9.88 -1.71 4.13
CA THR A 90 9.81 -1.27 2.74
C THR A 90 10.06 0.22 2.64
N GLY A 91 8.99 1.00 2.64
CA GLY A 91 9.09 2.47 2.54
C GLY A 91 7.93 3.03 1.75
N HIS A 92 6.95 2.18 1.42
CA HIS A 92 5.78 2.62 0.65
C HIS A 92 4.49 2.34 1.40
N PHE A 93 4.37 2.95 2.58
CA PHE A 93 3.17 2.79 3.41
C PHE A 93 2.84 4.09 4.10
N HIS A 94 1.57 4.49 4.06
CA HIS A 94 1.14 5.73 4.68
C HIS A 94 0.67 5.46 6.10
N ILE A 95 1.16 6.29 7.04
CA ILE A 95 0.78 6.12 8.45
C ILE A 95 -0.12 7.25 8.91
N THR A 96 -1.05 6.93 9.79
CA THR A 96 -1.96 7.94 10.33
C THR A 96 -2.43 7.52 11.70
N ASN A 97 -2.56 8.48 12.61
CA ASN A 97 -2.98 8.20 13.97
C ASN A 97 -4.43 7.77 13.98
N THR A 98 -5.05 7.65 12.81
CA THR A 98 -6.45 7.23 12.71
C THR A 98 -6.61 6.16 11.64
N THR A 99 -5.54 5.92 10.87
CA THR A 99 -5.58 4.92 9.81
C THR A 99 -4.18 4.69 9.25
N PHE A 100 -4.00 3.56 8.56
CA PHE A 100 -2.72 3.23 7.98
C PHE A 100 -2.93 2.19 6.87
N ASP A 101 -2.34 2.46 5.69
CA ASP A 101 -2.45 1.53 4.57
C ASP A 101 -1.10 1.36 3.88
N PHE A 102 -1.11 0.64 2.76
CA PHE A 102 0.11 0.44 1.99
C PHE A 102 -0.22 -0.12 0.61
N ASP A 103 0.75 -0.05 -0.31
CA ASP A 103 0.56 -0.54 -1.67
C ASP A 103 1.52 -1.66 -2.01
N LEU A 104 0.97 -2.84 -2.30
CA LEU A 104 1.79 -4.01 -2.64
C LEU A 104 2.12 -3.99 -4.13
N CYS A 105 1.60 -3.00 -4.84
CA CYS A 105 1.85 -2.87 -6.27
C CYS A 105 3.24 -2.32 -6.53
N SER A 106 4.05 -2.20 -5.49
CA SER A 106 5.41 -1.66 -5.62
C SER A 106 6.43 -2.59 -4.94
N LEU A 107 5.97 -3.31 -3.92
CA LEU A 107 6.85 -4.22 -3.19
C LEU A 107 7.12 -5.47 -4.02
N ASP A 108 8.32 -6.01 -3.90
CA ASP A 108 8.70 -7.22 -4.65
C ASP A 108 7.60 -8.27 -4.53
N LYS A 109 7.54 -9.18 -5.50
CA LYS A 109 6.54 -10.22 -5.49
C LYS A 109 6.77 -11.18 -4.32
N THR A 110 7.96 -11.13 -3.75
CA THR A 110 8.30 -12.00 -2.62
C THR A 110 7.55 -11.57 -1.37
N THR A 111 7.55 -10.26 -1.11
CA THR A 111 6.85 -9.73 0.07
C THR A 111 5.42 -10.26 0.10
N VAL A 112 4.76 -10.24 -1.04
CA VAL A 112 3.38 -10.71 -1.13
C VAL A 112 3.31 -12.22 -0.91
N ARG A 113 4.30 -12.93 -1.44
CA ARG A 113 4.35 -14.37 -1.32
C ARG A 113 4.43 -14.76 0.16
N LYS A 114 5.22 -14.02 0.93
CA LYS A 114 5.36 -14.31 2.35
C LYS A 114 4.04 -14.08 3.08
N LEU A 115 3.41 -12.96 2.79
CA LEU A 115 2.13 -12.63 3.41
C LEU A 115 1.14 -13.76 3.23
N GLN A 116 0.79 -14.03 1.96
CA GLN A 116 -0.17 -15.08 1.64
C GLN A 116 0.17 -16.35 2.44
N SER A 117 1.47 -16.66 2.51
CA SER A 117 1.91 -17.84 3.23
C SER A 117 1.28 -17.88 4.61
N TYR A 118 1.71 -16.99 5.49
CA TYR A 118 1.18 -16.93 6.84
C TYR A 118 -0.35 -16.82 6.80
N LEU A 119 -0.86 -16.11 5.80
CA LEU A 119 -2.28 -15.94 5.66
C LEU A 119 -2.97 -17.28 5.44
N GLU A 120 -2.73 -17.86 4.26
CA GLU A 120 -3.34 -19.13 3.92
C GLU A 120 -2.82 -20.22 4.84
N THR A 121 -3.33 -20.24 6.07
CA THR A 121 -2.92 -21.24 7.06
C THR A 121 -4.15 -21.83 7.75
N SER A 122 -4.34 -23.14 7.59
CA SER A 122 -5.47 -23.83 8.20
C SER A 122 -5.02 -25.15 8.82
N GLY A 123 -5.52 -25.43 10.01
CA GLY A 123 -5.17 -26.67 10.72
C GLY A 123 -3.93 -26.46 11.59
N THR A 124 -2.85 -26.00 10.97
CA THR A 124 -1.60 -25.77 11.69
C THR A 124 -1.72 -24.54 12.57
N SER A 125 -2.88 -23.88 12.53
CA SER A 125 -3.11 -22.69 13.33
C SER A 125 -3.35 -23.06 14.80
N THR A 1 -10.46 26.15 -22.55
CA THR A 1 -9.73 25.80 -23.79
C THR A 1 -9.06 27.03 -24.37
N ARG A 2 -9.70 28.18 -24.19
CA ARG A 2 -9.16 29.44 -24.70
C ARG A 2 -8.04 29.91 -23.80
N LEU A 3 -6.83 30.02 -24.37
CA LEU A 3 -5.66 30.47 -23.63
C LEU A 3 -6.05 31.25 -22.38
N PRO A 4 -6.29 30.56 -21.30
CA PRO A 4 -6.73 31.19 -20.02
C PRO A 4 -5.73 32.22 -19.52
N LEU A 5 -5.60 33.32 -20.26
CA LEU A 5 -4.67 34.38 -19.89
C LEU A 5 -3.40 33.81 -19.27
N PRO A 6 -2.51 33.31 -20.08
CA PRO A 6 -1.24 32.70 -19.60
C PRO A 6 -0.50 33.62 -18.62
N LEU A 7 -0.85 34.89 -18.64
CA LEU A 7 -0.21 35.85 -17.75
C LEU A 7 -0.69 35.67 -16.33
N ARG A 8 0.23 35.79 -15.38
CA ARG A 8 -0.11 35.63 -13.97
C ARG A 8 -0.92 34.35 -13.75
N ASP A 9 -0.21 33.23 -13.63
CA ASP A 9 -0.86 31.95 -13.43
C ASP A 9 -1.20 31.76 -11.95
N THR A 10 -2.47 32.00 -11.61
CA THR A 10 -2.92 31.85 -10.23
C THR A 10 -3.15 30.38 -9.90
N LYS A 11 -4.40 29.95 -9.99
CA LYS A 11 -4.73 28.56 -9.69
C LYS A 11 -4.37 28.22 -8.26
N LEU A 12 -5.30 27.61 -7.53
CA LEU A 12 -5.06 27.24 -6.15
C LEU A 12 -3.97 26.18 -6.06
N LEU A 13 -3.03 26.39 -5.14
CA LEU A 13 -1.93 25.44 -4.96
C LEU A 13 -2.43 24.17 -4.27
N SER A 14 -1.82 23.04 -4.63
CA SER A 14 -2.21 21.76 -4.04
C SER A 14 -3.73 21.59 -4.09
N PRO A 15 -4.26 21.44 -5.27
CA PRO A 15 -5.74 21.27 -5.46
C PRO A 15 -6.31 20.17 -4.56
N LEU A 16 -7.61 19.93 -4.69
CA LEU A 16 -8.26 18.91 -3.90
C LEU A 16 -7.93 17.51 -4.42
N ARG A 17 -7.57 17.44 -5.70
CA ARG A 17 -7.23 16.16 -6.32
C ARG A 17 -5.81 15.76 -5.94
N ASP A 18 -5.32 16.29 -4.83
CA ASP A 18 -3.97 15.98 -4.37
C ASP A 18 -3.77 14.47 -4.30
N THR A 19 -4.85 13.75 -4.00
CA THR A 19 -4.78 12.30 -3.90
C THR A 19 -4.65 11.68 -5.28
N PRO A 20 -4.16 10.47 -5.33
CA PRO A 20 -3.98 9.74 -6.61
C PRO A 20 -5.31 9.55 -7.36
N PRO A 21 -5.47 10.19 -8.49
CA PRO A 21 -6.72 10.08 -9.32
C PRO A 21 -7.11 8.62 -9.56
N PRO A 22 -6.16 7.78 -9.89
CA PRO A 22 -6.42 6.34 -10.15
C PRO A 22 -7.12 5.65 -8.98
N GLN A 23 -8.20 4.95 -9.27
CA GLN A 23 -8.94 4.25 -8.23
C GLN A 23 -8.09 3.15 -7.61
N SER A 24 -7.97 2.02 -8.32
CA SER A 24 -7.17 0.91 -7.83
C SER A 24 -7.71 0.41 -6.50
N LEU A 25 -6.84 -0.22 -5.71
CA LEU A 25 -7.24 -0.74 -4.40
C LEU A 25 -6.16 -0.46 -3.37
N MET A 26 -6.58 -0.01 -2.19
CA MET A 26 -5.64 0.30 -1.11
C MET A 26 -6.04 -0.42 0.17
N VAL A 27 -5.18 -1.32 0.64
CA VAL A 27 -5.45 -2.07 1.86
C VAL A 27 -5.28 -1.16 3.07
N LYS A 28 -6.34 -1.04 3.87
CA LYS A 28 -6.29 -0.20 5.08
C LYS A 28 -6.79 -0.97 6.29
N ILE A 29 -5.96 -1.03 7.32
CA ILE A 29 -6.33 -1.74 8.55
C ILE A 29 -6.70 -0.76 9.64
N THR A 30 -7.94 -0.81 10.09
CA THR A 30 -8.40 0.09 11.14
C THR A 30 -7.39 0.18 12.26
N LEU A 31 -7.23 1.37 12.83
CA LEU A 31 -6.29 1.56 13.91
C LEU A 31 -6.68 0.73 15.13
N ASP A 32 -7.94 0.84 15.51
CA ASP A 32 -8.42 0.11 16.68
C ASP A 32 -8.04 -1.35 16.59
N LEU A 33 -8.06 -1.90 15.38
CA LEU A 33 -7.71 -3.29 15.18
C LEU A 33 -6.24 -3.53 15.46
N LEU A 34 -5.55 -2.49 15.89
CA LEU A 34 -4.12 -2.58 16.19
C LEU A 34 -3.84 -1.99 17.55
N SER A 35 -2.65 -2.29 18.09
CA SER A 35 -2.26 -1.77 19.40
C SER A 35 -1.09 -0.80 19.26
N ARG A 36 0.06 -1.32 18.88
CA ARG A 36 1.26 -0.49 18.73
C ARG A 36 1.14 0.37 17.48
N ILE A 37 1.82 1.53 17.50
CA ILE A 37 1.80 2.44 16.35
C ILE A 37 3.22 2.84 15.95
N PRO A 38 3.68 2.43 14.80
CA PRO A 38 5.05 2.78 14.32
C PRO A 38 5.36 4.26 14.51
N GLN A 39 6.52 4.53 15.09
CA GLN A 39 6.94 5.90 15.33
C GLN A 39 7.29 6.60 14.01
N PRO A 40 7.06 7.89 13.93
CA PRO A 40 7.36 8.69 12.71
C PRO A 40 8.64 8.22 12.02
N PRO A 41 8.50 7.45 10.97
CA PRO A 41 9.68 6.94 10.20
C PRO A 41 10.59 8.06 9.73
N GLY A 42 11.46 7.74 8.77
CA GLY A 42 12.38 8.74 8.23
C GLY A 42 11.89 9.27 6.88
N LYS A 43 12.56 10.31 6.39
CA LYS A 43 12.19 10.90 5.12
C LYS A 43 11.82 9.81 4.09
N PRO A 44 10.55 9.66 3.79
CA PRO A 44 10.07 8.63 2.82
C PRO A 44 10.30 9.06 1.37
N MET A 45 9.97 8.18 0.44
CA MET A 45 10.14 8.48 -0.98
C MET A 45 9.20 7.63 -1.82
N GLY A 46 9.11 7.95 -3.10
CA GLY A 46 8.25 7.20 -4.01
C GLY A 46 8.80 7.21 -5.43
N SER A 47 10.11 7.01 -5.55
CA SER A 47 10.76 7.00 -6.86
C SER A 47 9.95 6.16 -7.84
N ASP A 48 9.89 6.61 -9.09
CA ASP A 48 9.16 5.89 -10.12
C ASP A 48 9.61 4.44 -10.19
N LYS A 49 10.93 4.23 -10.13
CA LYS A 49 11.48 2.88 -10.19
C LYS A 49 10.81 2.08 -11.30
N GLN A 50 11.04 2.49 -12.54
CA GLN A 50 10.45 1.81 -13.68
C GLN A 50 11.23 0.55 -14.01
N ILE A 51 10.97 -0.52 -13.26
CA ILE A 51 11.66 -1.79 -13.50
C ILE A 51 10.77 -2.75 -14.29
N LYS A 52 9.47 -2.47 -14.29
CA LYS A 52 8.52 -3.32 -15.02
C LYS A 52 8.81 -3.31 -16.51
N ASN A 53 8.64 -4.47 -17.14
CA ASN A 53 8.89 -4.59 -18.57
C ASN A 53 8.36 -5.91 -19.11
N GLY A 54 8.95 -6.40 -20.20
CA GLY A 54 8.52 -7.65 -20.79
C GLY A 54 7.06 -7.58 -21.21
N GLU A 55 6.69 -8.40 -22.18
CA GLU A 55 5.30 -8.43 -22.66
C GLU A 55 4.44 -9.27 -21.73
N CYS A 56 4.14 -8.72 -20.56
CA CYS A 56 3.31 -9.43 -19.59
C CYS A 56 2.99 -8.53 -18.39
N ASP A 57 1.78 -8.64 -17.88
CA ASP A 57 1.36 -7.83 -16.74
C ASP A 57 0.09 -8.40 -16.11
N LYS A 58 -0.98 -8.46 -16.90
CA LYS A 58 -2.25 -8.97 -16.42
C LYS A 58 -2.06 -10.34 -15.77
N ALA A 59 -3.18 -10.99 -15.42
CA ALA A 59 -3.12 -12.31 -14.80
C ALA A 59 -2.66 -12.19 -13.35
N TYR A 60 -1.40 -11.80 -13.17
CA TYR A 60 -0.84 -11.66 -11.82
C TYR A 60 -1.62 -10.63 -11.02
N LEU A 61 -2.12 -9.61 -11.71
CA LEU A 61 -2.88 -8.55 -11.05
C LEU A 61 -4.09 -9.13 -10.34
N ASP A 62 -4.83 -9.98 -11.03
CA ASP A 62 -6.02 -10.59 -10.45
C ASP A 62 -5.71 -11.18 -9.08
N GLU A 63 -4.46 -11.60 -8.89
CA GLU A 63 -4.04 -12.17 -7.62
C GLU A 63 -4.02 -11.11 -6.53
N LEU A 64 -3.27 -10.04 -6.76
CA LEU A 64 -3.17 -8.95 -5.79
C LEU A 64 -4.56 -8.48 -5.38
N VAL A 65 -5.45 -8.37 -6.34
CA VAL A 65 -6.82 -7.92 -6.06
C VAL A 65 -7.52 -8.92 -5.13
N GLU A 66 -7.45 -10.19 -5.47
CA GLU A 66 -8.08 -11.23 -4.67
C GLU A 66 -7.56 -11.20 -3.24
N LEU A 67 -6.31 -10.76 -3.08
CA LEU A 67 -5.71 -10.71 -1.77
C LEU A 67 -6.39 -9.66 -0.91
N HIS A 68 -6.41 -8.43 -1.41
CA HIS A 68 -7.02 -7.31 -0.67
C HIS A 68 -8.27 -7.80 0.07
N ARG A 69 -9.06 -8.65 -0.59
CA ARG A 69 -10.26 -9.18 0.02
C ARG A 69 -9.93 -10.09 1.19
N ARG A 70 -9.47 -11.31 0.89
CA ARG A 70 -9.13 -12.26 1.93
C ARG A 70 -8.31 -11.60 3.03
N LEU A 71 -7.80 -10.40 2.75
CA LEU A 71 -7.00 -9.68 3.73
C LEU A 71 -7.86 -8.89 4.69
N MET A 72 -8.99 -8.40 4.19
CA MET A 72 -9.90 -7.64 5.03
C MET A 72 -10.50 -8.51 6.13
N THR A 73 -10.36 -9.82 5.97
CA THR A 73 -10.89 -10.76 6.96
C THR A 73 -9.96 -10.84 8.16
N LEU A 74 -9.02 -11.77 8.11
CA LEU A 74 -8.07 -11.95 9.19
C LEU A 74 -8.80 -12.28 10.49
N ARG A 75 -8.61 -13.50 10.98
CA ARG A 75 -9.25 -13.92 12.22
C ARG A 75 -8.23 -14.58 13.15
N GLU A 76 -7.09 -13.91 13.36
CA GLU A 76 -6.05 -14.45 14.24
C GLU A 76 -5.50 -13.33 15.13
N ARG A 77 -4.28 -13.55 15.64
CA ARG A 77 -3.64 -12.56 16.50
C ARG A 77 -2.14 -12.55 16.26
N HIS A 78 -1.50 -11.45 16.65
CA HIS A 78 -0.06 -11.30 16.48
C HIS A 78 0.27 -11.13 15.01
N ILE A 79 -0.75 -11.17 14.17
CA ILE A 79 -0.56 -11.02 12.72
C ILE A 79 -0.85 -9.58 12.30
N LEU A 80 -1.87 -8.99 12.89
CA LEU A 80 -2.23 -7.62 12.57
C LEU A 80 -1.02 -6.70 12.67
N GLN A 81 -0.22 -6.91 13.70
CA GLN A 81 0.97 -6.09 13.91
C GLN A 81 2.04 -6.43 12.86
N GLN A 82 2.26 -7.72 12.65
CA GLN A 82 3.26 -8.16 11.69
C GLN A 82 3.00 -7.51 10.33
N ILE A 83 1.74 -7.38 9.97
CA ILE A 83 1.37 -6.79 8.69
C ILE A 83 1.82 -5.33 8.64
N VAL A 84 2.31 -4.83 9.77
CA VAL A 84 2.78 -3.44 9.85
C VAL A 84 4.30 -3.39 9.84
N ASN A 85 4.92 -4.27 10.63
CA ASN A 85 6.37 -4.31 10.71
C ASN A 85 6.97 -4.74 9.37
N LEU A 86 6.32 -5.69 8.70
CA LEU A 86 6.80 -6.17 7.42
C LEU A 86 6.92 -5.01 6.43
N ILE A 87 5.96 -4.10 6.47
CA ILE A 87 5.96 -2.97 5.55
C ILE A 87 6.88 -1.87 6.07
N GLU A 88 6.95 -1.74 7.39
CA GLU A 88 7.82 -0.74 8.01
C GLU A 88 9.26 -0.95 7.59
N GLU A 89 9.61 -2.20 7.27
CA GLU A 89 10.96 -2.53 6.84
C GLU A 89 11.15 -2.22 5.36
N THR A 90 10.09 -2.42 4.58
CA THR A 90 10.16 -2.18 3.15
C THR A 90 10.12 -0.70 2.82
N GLY A 91 8.93 -0.22 2.45
CA GLY A 91 8.75 1.19 2.12
C GLY A 91 7.54 1.39 1.22
N HIS A 92 7.15 2.64 1.01
CA HIS A 92 6.00 2.96 0.17
C HIS A 92 4.71 2.64 0.90
N PHE A 93 4.57 3.16 2.11
CA PHE A 93 3.36 2.94 2.91
C PHE A 93 2.98 4.19 3.67
N HIS A 94 1.70 4.54 3.62
CA HIS A 94 1.23 5.73 4.31
C HIS A 94 0.81 5.38 5.73
N ILE A 95 1.39 6.09 6.70
CA ILE A 95 1.10 5.83 8.10
C ILE A 95 0.25 6.94 8.71
N THR A 96 -0.63 6.57 9.65
CA THR A 96 -1.46 7.55 10.32
C THR A 96 -1.85 7.06 11.71
N ASN A 97 -1.97 7.98 12.65
CA ASN A 97 -2.35 7.62 14.01
C ASN A 97 -3.81 7.19 14.06
N THR A 98 -4.46 7.14 12.90
CA THR A 98 -5.87 6.75 12.84
C THR A 98 -6.08 5.75 11.71
N THR A 99 -5.07 5.59 10.85
CA THR A 99 -5.17 4.67 9.72
C THR A 99 -3.79 4.43 9.11
N PHE A 100 -3.66 3.31 8.40
CA PHE A 100 -2.38 2.98 7.77
C PHE A 100 -2.62 1.95 6.66
N ASP A 101 -2.18 2.28 5.45
CA ASP A 101 -2.35 1.39 4.30
C ASP A 101 -1.06 1.28 3.51
N PHE A 102 -1.16 0.69 2.32
CA PHE A 102 -0.01 0.56 1.44
C PHE A 102 -0.44 0.05 0.07
N ASP A 103 0.48 0.13 -0.89
CA ASP A 103 0.18 -0.33 -2.26
C ASP A 103 1.13 -1.45 -2.67
N LEU A 104 0.67 -2.69 -2.57
CA LEU A 104 1.48 -3.84 -2.95
C LEU A 104 1.72 -3.85 -4.46
N CYS A 105 1.09 -2.91 -5.15
CA CYS A 105 1.25 -2.82 -6.60
C CYS A 105 2.66 -2.42 -6.97
N SER A 106 3.54 -2.38 -5.98
CA SER A 106 4.94 -2.00 -6.21
C SER A 106 5.88 -2.81 -5.33
N LEU A 107 5.45 -3.06 -4.09
CA LEU A 107 6.26 -3.82 -3.15
C LEU A 107 6.73 -5.12 -3.79
N ASP A 108 7.98 -5.48 -3.53
CA ASP A 108 8.55 -6.72 -4.08
C ASP A 108 7.55 -7.85 -3.98
N LYS A 109 7.52 -8.71 -4.99
CA LYS A 109 6.60 -9.83 -5.01
C LYS A 109 6.92 -10.82 -3.90
N THR A 110 8.16 -10.76 -3.41
CA THR A 110 8.58 -11.66 -2.33
C THR A 110 7.83 -11.35 -1.06
N THR A 111 7.86 -10.09 -0.63
CA THR A 111 7.17 -9.68 0.59
C THR A 111 5.72 -10.21 0.57
N VAL A 112 5.04 -9.97 -0.54
CA VAL A 112 3.66 -10.43 -0.68
C VAL A 112 3.59 -11.95 -0.52
N ARG A 113 4.56 -12.64 -1.10
CA ARG A 113 4.60 -14.10 -1.00
C ARG A 113 4.55 -14.53 0.46
N LYS A 114 5.30 -13.84 1.31
CA LYS A 114 5.33 -14.18 2.73
C LYS A 114 3.92 -14.07 3.32
N LEU A 115 3.24 -12.99 3.00
CA LEU A 115 1.88 -12.78 3.50
C LEU A 115 1.02 -14.02 3.25
N GLN A 116 0.78 -14.31 1.99
CA GLN A 116 -0.02 -15.47 1.61
C GLN A 116 0.40 -16.70 2.43
N SER A 117 1.71 -16.94 2.49
CA SER A 117 2.23 -18.07 3.23
C SER A 117 1.51 -18.24 4.57
N TYR A 118 1.84 -17.38 5.52
CA TYR A 118 1.23 -17.48 6.84
C TYR A 118 -0.28 -17.46 6.74
N LEU A 119 -0.80 -16.78 5.72
CA LEU A 119 -2.23 -16.67 5.54
C LEU A 119 -2.84 -18.03 5.27
N GLU A 120 -2.61 -18.53 4.06
CA GLU A 120 -3.16 -19.83 3.67
C GLU A 120 -2.46 -20.35 2.42
N THR A 121 -1.49 -21.24 2.62
CA THR A 121 -0.75 -21.82 1.50
C THR A 121 -0.43 -23.28 1.77
N SER A 122 -1.47 -24.11 1.80
CA SER A 122 -1.29 -25.55 2.05
C SER A 122 -1.00 -26.28 0.74
N GLY A 123 0.11 -27.00 0.71
CA GLY A 123 0.50 -27.74 -0.48
C GLY A 123 -0.22 -29.09 -0.52
N THR A 124 0.42 -30.11 0.04
CA THR A 124 -0.17 -31.46 0.06
C THR A 124 -1.11 -31.61 1.25
N SER A 125 -2.10 -32.48 1.09
CA SER A 125 -3.07 -32.71 2.15
C SER A 125 -2.37 -32.94 3.49
#